data_7XAY
#
_entry.id   7XAY
#
_cell.length_a   96.410
_cell.length_b   124.684
_cell.length_c   161.066
_cell.angle_alpha   90.000
_cell.angle_beta   90.000
_cell.angle_gamma   90.000
#
_symmetry.space_group_name_H-M   'P 21 21 21'
#
loop_
_entity.id
_entity.type
_entity.pdbx_description
1 polymer 'Soluble cytochrome b562,Histone acetyltransferase type B catalytic subunit'
2 polymer 'Histone acetyltransferase type B subunit 2'
3 polymer 'Histone chaperone asf1'
4 polymer 'Histone H3'
5 polymer 'Histone H4'
6 non-polymer 'COENZYME A'
#
loop_
_entity_poly.entity_id
_entity_poly.type
_entity_poly.pdbx_seq_one_letter_code
_entity_poly.pdbx_strand_id
1 'polypeptide(L)'
;ADLEDNWETLNDNLKVIEKADNAAQVKDALTKMRAAALDAQKATPPKLEDKSPDSPEMKDFRHGFDILVGQIDDALKLAN
EGKVKEAQAAAEQLKTTRNAYIQKYLWTSSANEALRVSIVGENAVQFSPLFTYPIYGDSEKIYGYKDLIIHLAFDSVTFK
PYVNVKYSAKLGDDNIVDVEKKLLSFLPKDDVIVRDEAKWVDCFAEERKTHNLSDVFEKVSEYSLNGEEFVVYKSSLVDD
FARRMHRRVQIFSLLFIEAANYIDETDPSWQIYWLLNKKTKELIGFVTTYKYWHYLGAKSFDEDIDKKFRAKISQFLIFP
PYQNKGHGSCLYEAIIQSWLEDKSITEITVEDPNEAFDDLRDRNDIQRLRKLGYDAVFQKHSDLSDEFLESSRKSLKLEE
RQFNRLVEMLLLLNNS
;
A
2 'polypeptide(L)'
;MENQEKPLSVDEEYDLWKSNVPLMYDFVSETRLTWPSLTVQWLPTPVQELDGGFIKQELIIGTHTSGEEENYLKFAEINL
PKEILSNEDPQEEAGEEYQSSLPAPRSNIRITAKYEHEEEITRARYMPQDPNIVATINGQGTVFLYSRSEGLQSTLKFHK
DNGYALSFSTLVKGRLLSGSDDHTVALWEVGSGGDPTKPVRTWNDLHSDIINDNKWHNFNKDLFGTVSEDSLLKINDVRA
NNTTIDTVKCPQPFNTLAFSHHSSNLLAAAGMDSYVYLYDLRNMKEPLHHMSGHEDAVNNLEFSTHVDGVVVSSGSDNRL
MMWDLKQIGAEQTPDDAEDGVPELIMVHAGHRSSVNDFDLNPQIPWLVASAEEENILQVWKCSHSLPIVGGPPKVNKDII
S
;
B
3 'polypeptide(L)'
;MSVVSLLGVKIVNNPAPFLAPYQFEITFECLEQLQKDLEWKLTYVGSATSSEYDQELDSLLVGPIPVGVNKFLFEADAPD
LKRIPTSEILGVTVILLTCSYDGREFVRVGYYVNNEYDSEELTQDPPAKPIIERIRRNILAEKPRVTRFAIKWD
;
C
4 'polypeptide(L)'
;ARTKQTARKSTGGKAPRKQLASKAARKSAPSTGGVKKPHRYKPGTVALREIRRFQKSTELLIRKLPFQRLVREIAQDFKT
DLRFQSSAIGALQESVEAYLVSLFEDTNLAAIHAKRVTIQKKDIKLARRLRGERS
;
D
5 'polypeptide(L)'
;GKGLGKGGAKRHRKILRDNIQGITKPAIRRLARRGGVKRISGLIYEEVRAVLKSFLESVIRDSVTYTEHAKRKTVTSLDV
VYALKRQGRTLYGFGG
;
E
#
loop_
_chem_comp.id
_chem_comp.type
_chem_comp.name
_chem_comp.formula
COA non-polymer 'COENZYME A' 'C21 H36 N7 O16 P3 S'
#
# COMPACT_ATOMS: atom_id res chain seq x y z
N LYS A 104 25.63 -10.05 -48.56
CA LYS A 104 24.96 -8.79 -48.79
C LYS A 104 25.08 -7.87 -47.57
N TYR A 105 25.63 -8.41 -46.49
CA TYR A 105 25.83 -7.67 -45.24
C TYR A 105 24.51 -7.37 -44.53
N LEU A 106 23.59 -8.32 -44.50
CA LEU A 106 22.30 -8.13 -43.86
C LEU A 106 21.95 -9.34 -42.99
N TRP A 107 22.90 -9.76 -42.15
CA TRP A 107 22.77 -10.96 -41.34
C TRP A 107 22.12 -10.71 -39.99
N THR A 108 21.41 -9.59 -39.85
CA THR A 108 20.62 -9.30 -38.66
C THR A 108 19.18 -9.09 -39.07
N SER A 109 18.27 -9.50 -38.19
CA SER A 109 16.84 -9.36 -38.46
C SER A 109 16.11 -9.19 -37.14
N SER A 110 14.88 -8.71 -37.22
CA SER A 110 14.07 -8.44 -36.05
C SER A 110 13.22 -9.67 -35.72
N ALA A 111 13.37 -10.18 -34.49
CA ALA A 111 12.58 -11.33 -34.07
C ALA A 111 11.09 -11.05 -34.07
N ASN A 112 10.69 -9.77 -34.04
CA ASN A 112 9.27 -9.46 -34.01
C ASN A 112 8.62 -9.66 -35.38
N GLU A 113 9.35 -9.36 -36.44
CA GLU A 113 8.86 -9.63 -37.79
C GLU A 113 9.32 -10.98 -38.33
N ALA A 114 10.36 -11.57 -37.74
CA ALA A 114 10.80 -12.89 -38.17
C ALA A 114 9.87 -13.97 -37.62
N LEU A 115 9.31 -13.78 -36.44
CA LEU A 115 8.44 -14.76 -35.82
C LEU A 115 7.00 -14.54 -36.27
N ARG A 116 6.40 -15.57 -36.87
CA ARG A 116 5.04 -15.51 -37.40
C ARG A 116 4.23 -16.64 -36.77
N VAL A 117 3.27 -16.27 -35.91
CA VAL A 117 2.45 -17.24 -35.21
C VAL A 117 1.21 -17.52 -36.03
N SER A 118 0.79 -18.79 -36.06
CA SER A 118 -0.33 -19.21 -36.89
C SER A 118 -1.29 -20.07 -36.08
N ILE A 119 -2.59 -19.87 -36.31
CA ILE A 119 -3.64 -20.69 -35.74
C ILE A 119 -4.51 -21.19 -36.88
N VAL A 120 -4.68 -22.52 -36.95
CA VAL A 120 -5.17 -23.16 -38.16
C VAL A 120 -6.55 -23.76 -37.88
N GLY A 121 -7.56 -23.23 -38.55
CA GLY A 121 -8.86 -23.86 -38.63
C GLY A 121 -9.06 -24.49 -40.00
N GLU A 122 -10.01 -23.97 -40.78
CA GLU A 122 -9.97 -24.24 -42.20
C GLU A 122 -9.08 -23.23 -42.93
N ASN A 123 -8.98 -22.02 -42.40
CA ASN A 123 -7.97 -21.05 -42.80
C ASN A 123 -6.93 -20.94 -41.71
N ALA A 124 -5.68 -20.73 -42.11
CA ALA A 124 -4.58 -20.53 -41.18
C ALA A 124 -4.36 -19.03 -41.02
N VAL A 125 -4.72 -18.51 -39.85
CA VAL A 125 -4.58 -17.09 -39.56
C VAL A 125 -3.18 -16.85 -38.99
N GLN A 126 -2.49 -15.86 -39.54
CA GLN A 126 -1.11 -15.55 -39.18
C GLN A 126 -1.03 -14.16 -38.58
N PHE A 127 -0.09 -13.99 -37.66
CA PHE A 127 0.05 -12.71 -36.96
C PHE A 127 1.40 -12.64 -36.27
N SER A 128 1.84 -11.42 -36.00
CA SER A 128 3.13 -11.22 -35.35
C SER A 128 2.97 -11.16 -33.83
N PRO A 129 4.06 -11.36 -33.10
CA PRO A 129 4.02 -11.17 -31.64
C PRO A 129 4.30 -9.73 -31.24
N LEU A 130 3.89 -9.41 -30.02
CA LEU A 130 4.16 -8.09 -29.46
C LEU A 130 5.56 -8.01 -28.86
N PHE A 131 5.95 -9.02 -28.07
CA PHE A 131 7.26 -9.05 -27.44
C PHE A 131 7.93 -10.38 -27.72
N THR A 132 9.20 -10.34 -28.12
CA THR A 132 10.01 -11.53 -28.28
C THR A 132 11.28 -11.47 -27.44
N TYR A 133 11.43 -10.44 -26.61
CA TYR A 133 12.67 -10.19 -25.88
C TYR A 133 12.95 -11.25 -24.81
N PRO A 134 11.94 -11.79 -24.13
CA PRO A 134 12.21 -12.88 -23.17
C PRO A 134 12.76 -14.12 -23.84
N ILE A 135 12.73 -14.20 -25.16
CA ILE A 135 13.26 -15.34 -25.91
C ILE A 135 14.63 -15.03 -26.51
N TYR A 136 14.76 -13.88 -27.18
CA TYR A 136 15.94 -13.57 -27.98
C TYR A 136 16.67 -12.31 -27.50
N GLY A 137 16.45 -11.90 -26.26
CA GLY A 137 17.20 -10.80 -25.69
C GLY A 137 16.55 -9.44 -25.91
N ASP A 138 16.96 -8.47 -25.08
CA ASP A 138 16.36 -7.14 -25.13
C ASP A 138 16.48 -6.51 -26.51
N SER A 139 17.55 -6.81 -27.23
CA SER A 139 17.69 -6.27 -28.58
C SER A 139 16.55 -6.72 -29.48
N GLU A 140 15.95 -7.87 -29.19
CA GLU A 140 14.97 -8.50 -30.07
C GLU A 140 15.50 -8.57 -31.50
N LYS A 141 16.82 -8.72 -31.61
CA LYS A 141 17.51 -8.84 -32.88
C LYS A 141 18.24 -10.17 -32.92
N ILE A 142 18.12 -10.88 -34.05
CA ILE A 142 18.78 -12.16 -34.26
C ILE A 142 19.80 -11.98 -35.37
N TYR A 143 21.06 -12.32 -35.09
CA TYR A 143 22.14 -12.18 -36.04
C TYR A 143 22.71 -13.54 -36.40
N GLY A 144 22.96 -13.74 -37.69
CA GLY A 144 23.53 -14.99 -38.17
C GLY A 144 22.73 -15.62 -39.29
N TYR A 145 21.48 -15.20 -39.44
CA TYR A 145 20.57 -15.78 -40.40
C TYR A 145 20.22 -14.77 -41.47
N LYS A 146 20.19 -15.23 -42.73
CA LYS A 146 19.80 -14.40 -43.86
C LYS A 146 18.44 -14.88 -44.38
N ASP A 147 17.49 -13.96 -44.47
CA ASP A 147 16.12 -14.27 -44.88
C ASP A 147 15.49 -15.28 -43.92
N LEU A 148 15.42 -14.88 -42.65
CA LEU A 148 14.95 -15.75 -41.59
C LEU A 148 13.44 -15.68 -41.45
N ILE A 149 12.80 -16.85 -41.34
CA ILE A 149 11.38 -16.97 -41.02
C ILE A 149 11.25 -18.02 -39.93
N ILE A 150 10.45 -17.72 -38.91
CA ILE A 150 10.18 -18.64 -37.81
C ILE A 150 8.68 -18.88 -37.79
N HIS A 151 8.26 -20.07 -38.21
CA HIS A 151 6.85 -20.45 -38.25
C HIS A 151 6.53 -21.20 -36.97
N LEU A 152 5.66 -20.60 -36.15
CA LEU A 152 5.11 -21.23 -34.95
C LEU A 152 3.61 -21.34 -35.16
N ALA A 153 3.11 -22.57 -35.32
CA ALA A 153 1.71 -22.81 -35.62
C ALA A 153 1.08 -23.68 -34.54
N PHE A 154 -0.19 -23.42 -34.26
CA PHE A 154 -0.94 -24.21 -33.30
C PHE A 154 -2.25 -24.67 -33.93
N ASP A 155 -2.64 -25.91 -33.63
CA ASP A 155 -3.95 -26.38 -34.04
C ASP A 155 -5.04 -25.66 -33.27
N SER A 156 -6.07 -25.21 -33.97
CA SER A 156 -7.06 -24.31 -33.40
C SER A 156 -7.88 -24.94 -32.27
N VAL A 157 -7.83 -26.26 -32.10
CA VAL A 157 -8.61 -26.96 -31.09
C VAL A 157 -7.71 -27.55 -30.00
N THR A 158 -6.66 -28.25 -30.40
CA THR A 158 -5.73 -28.86 -29.45
C THR A 158 -4.50 -28.01 -29.19
N PHE A 159 -4.23 -27.01 -30.03
CA PHE A 159 -3.04 -26.17 -29.90
C PHE A 159 -1.77 -27.02 -29.84
N LYS A 160 -1.72 -28.04 -30.68
CA LYS A 160 -0.49 -28.81 -30.87
C LYS A 160 0.54 -27.94 -31.56
N PRO A 161 1.68 -27.65 -30.94
CA PRO A 161 2.64 -26.73 -31.55
C PRO A 161 3.43 -27.38 -32.67
N TYR A 162 3.78 -26.55 -33.65
CA TYR A 162 4.57 -26.97 -34.82
C TYR A 162 5.53 -25.84 -35.14
N VAL A 163 6.82 -26.14 -35.14
CA VAL A 163 7.88 -25.15 -35.32
C VAL A 163 8.66 -25.47 -36.57
N ASN A 164 8.86 -24.48 -37.42
CA ASN A 164 9.66 -24.63 -38.64
C ASN A 164 10.46 -23.34 -38.84
N VAL A 165 11.78 -23.45 -38.76
CA VAL A 165 12.67 -22.29 -38.88
C VAL A 165 13.36 -22.39 -40.23
N LYS A 166 12.98 -21.50 -41.16
CA LYS A 166 13.52 -21.48 -42.51
C LYS A 166 14.49 -20.33 -42.65
N TYR A 167 15.61 -20.58 -43.33
CA TYR A 167 16.59 -19.54 -43.59
C TYR A 167 17.41 -19.91 -44.82
N SER A 168 17.62 -18.94 -45.71
CA SER A 168 18.36 -19.22 -46.93
C SER A 168 19.85 -19.34 -46.69
N ALA A 169 20.34 -18.91 -45.52
CA ALA A 169 21.76 -19.02 -45.21
C ALA A 169 21.96 -18.70 -43.74
N LYS A 170 22.82 -19.48 -43.09
CA LYS A 170 23.14 -19.29 -41.68
C LYS A 170 24.64 -19.47 -41.49
N LEU A 171 25.27 -18.48 -40.86
CA LEU A 171 26.70 -18.55 -40.61
C LEU A 171 27.02 -19.73 -39.70
N GLY A 172 28.09 -20.44 -40.03
CA GLY A 172 28.48 -21.63 -39.29
C GLY A 172 29.26 -21.40 -38.02
N ASP A 173 29.52 -20.15 -37.65
CA ASP A 173 30.31 -19.88 -36.46
C ASP A 173 29.60 -20.40 -35.21
N ASP A 174 30.40 -20.83 -34.23
CA ASP A 174 29.84 -21.39 -33.01
C ASP A 174 29.01 -20.36 -32.23
N ASN A 175 29.43 -19.09 -32.27
CA ASN A 175 28.76 -18.07 -31.47
C ASN A 175 27.38 -17.73 -31.99
N ILE A 176 27.05 -18.12 -33.22
CA ILE A 176 25.74 -17.81 -33.78
C ILE A 176 24.67 -18.50 -32.96
N VAL A 177 23.62 -17.75 -32.60
CA VAL A 177 22.56 -18.29 -31.77
C VAL A 177 21.79 -19.37 -32.54
N ASP A 178 21.17 -20.27 -31.78
CA ASP A 178 20.39 -21.38 -32.33
C ASP A 178 18.92 -21.02 -32.14
N VAL A 179 18.33 -20.40 -33.16
CA VAL A 179 16.95 -19.91 -33.06
C VAL A 179 16.01 -21.02 -32.64
N GLU A 180 16.06 -22.15 -33.35
CA GLU A 180 15.10 -23.22 -33.10
C GLU A 180 15.21 -23.74 -31.67
N LYS A 181 16.43 -23.92 -31.17
CA LYS A 181 16.62 -24.43 -29.82
C LYS A 181 16.11 -23.44 -28.78
N LYS A 182 16.47 -22.17 -28.96
CA LYS A 182 15.91 -21.09 -28.13
C LYS A 182 14.40 -21.22 -28.04
N LEU A 183 13.73 -21.26 -29.18
CA LEU A 183 12.27 -21.29 -29.19
C LEU A 183 11.74 -22.56 -28.52
N LEU A 184 12.31 -23.71 -28.87
CA LEU A 184 11.84 -24.97 -28.32
C LEU A 184 12.03 -25.06 -26.81
N SER A 185 12.97 -24.30 -26.26
CA SER A 185 13.14 -24.33 -24.81
C SER A 185 11.88 -23.87 -24.07
N PHE A 186 11.07 -23.03 -24.71
CA PHE A 186 9.88 -22.48 -24.07
C PHE A 186 8.60 -23.26 -24.36
N LEU A 187 8.58 -24.06 -25.43
CA LEU A 187 7.42 -24.87 -25.74
C LEU A 187 7.46 -26.18 -24.96
N PRO A 188 6.31 -26.85 -24.82
CA PRO A 188 6.27 -28.07 -23.99
C PRO A 188 7.24 -29.12 -24.52
N LYS A 189 8.10 -29.62 -23.62
CA LYS A 189 9.14 -30.54 -24.00
C LYS A 189 8.56 -31.77 -24.68
N ASP A 190 9.22 -32.18 -25.77
CA ASP A 190 8.84 -33.41 -26.50
C ASP A 190 7.37 -33.41 -26.86
N ASP A 191 6.83 -32.23 -27.18
CA ASP A 191 5.45 -32.10 -27.60
C ASP A 191 5.29 -31.24 -28.86
N VAL A 192 6.39 -30.91 -29.54
CA VAL A 192 6.37 -30.03 -30.69
C VAL A 192 6.86 -30.80 -31.91
N ILE A 193 6.14 -30.68 -33.01
CA ILE A 193 6.55 -31.25 -34.29
C ILE A 193 7.39 -30.20 -35.01
N VAL A 194 8.64 -30.54 -35.31
CA VAL A 194 9.60 -29.59 -35.86
C VAL A 194 9.85 -29.94 -37.32
N ARG A 195 9.40 -29.05 -38.20
CA ARG A 195 9.77 -29.08 -39.62
C ARG A 195 9.24 -30.33 -40.32
N ASP A 196 7.99 -30.71 -40.01
CA ASP A 196 7.31 -31.81 -40.70
C ASP A 196 5.81 -31.55 -40.57
N GLU A 197 5.21 -30.99 -41.63
CA GLU A 197 3.81 -30.57 -41.53
C GLU A 197 2.87 -31.77 -41.56
N ALA A 198 3.19 -32.80 -42.34
CA ALA A 198 2.31 -33.97 -42.40
C ALA A 198 2.20 -34.65 -41.03
N LYS A 199 3.33 -34.78 -40.33
CA LYS A 199 3.32 -35.36 -38.99
C LYS A 199 2.43 -34.54 -38.07
N TRP A 200 2.57 -33.21 -38.10
CA TRP A 200 1.75 -32.34 -37.26
C TRP A 200 0.28 -32.51 -37.56
N VAL A 201 -0.08 -32.56 -38.84
CA VAL A 201 -1.48 -32.69 -39.22
C VAL A 201 -2.04 -34.02 -38.74
N ASP A 202 -1.30 -35.11 -38.96
CA ASP A 202 -1.74 -36.41 -38.45
C ASP A 202 -1.95 -36.37 -36.95
N CYS A 203 -1.00 -35.76 -36.23
CA CYS A 203 -1.06 -35.74 -34.78
C CYS A 203 -2.31 -35.01 -34.29
N PHE A 204 -2.55 -33.79 -34.78
CA PHE A 204 -3.69 -33.06 -34.26
C PHE A 204 -5.00 -33.64 -34.80
N ALA A 205 -4.97 -34.31 -35.95
CA ALA A 205 -6.17 -34.96 -36.45
C ALA A 205 -6.58 -36.12 -35.57
N GLU A 206 -5.61 -36.92 -35.12
CA GLU A 206 -5.92 -38.01 -34.20
C GLU A 206 -6.16 -37.51 -32.77
N GLU A 207 -5.69 -36.31 -32.43
CA GLU A 207 -6.01 -35.75 -31.12
C GLU A 207 -7.45 -35.21 -31.09
N ARG A 208 -7.91 -34.61 -32.18
CA ARG A 208 -9.27 -34.08 -32.22
C ARG A 208 -10.30 -35.18 -32.03
N LYS A 209 -9.97 -36.43 -32.40
CA LYS A 209 -10.91 -37.52 -32.23
C LYS A 209 -11.28 -37.71 -30.77
N THR A 210 -10.31 -37.62 -29.87
CA THR A 210 -10.51 -37.90 -28.45
C THR A 210 -10.39 -36.65 -27.58
N HIS A 211 -10.19 -35.48 -28.16
CA HIS A 211 -9.99 -34.25 -27.40
C HIS A 211 -11.35 -33.74 -26.95
N ASN A 212 -11.82 -34.24 -25.80
CA ASN A 212 -13.09 -33.83 -25.22
C ASN A 212 -12.81 -32.84 -24.08
N LEU A 213 -12.50 -31.60 -24.46
CA LEU A 213 -12.21 -30.58 -23.47
C LEU A 213 -13.41 -30.34 -22.56
N SER A 214 -14.58 -30.07 -23.15
CA SER A 214 -15.77 -29.72 -22.37
C SER A 214 -16.23 -30.83 -21.45
N ASP A 215 -15.63 -32.02 -21.52
CA ASP A 215 -16.06 -33.16 -20.72
C ASP A 215 -15.26 -33.35 -19.45
N VAL A 216 -14.10 -32.71 -19.32
CA VAL A 216 -13.27 -32.86 -18.14
C VAL A 216 -13.34 -31.61 -17.26
N PHE A 217 -13.52 -30.43 -17.85
CA PHE A 217 -13.57 -29.17 -17.09
C PHE A 217 -14.97 -28.91 -16.51
N GLU A 218 -15.05 -27.99 -15.56
CA GLU A 218 -16.34 -27.61 -14.92
C GLU A 218 -16.90 -26.40 -15.65
N LYS A 219 -18.13 -26.49 -16.14
CA LYS A 219 -18.75 -25.37 -16.89
C LYS A 219 -18.94 -24.19 -15.93
N VAL A 220 -18.66 -22.97 -16.41
CA VAL A 220 -18.79 -21.74 -15.57
C VAL A 220 -19.99 -20.95 -16.07
N SER A 221 -20.12 -20.79 -17.37
CA SER A 221 -21.25 -20.09 -17.98
C SER A 221 -21.08 -20.14 -19.49
N GLU A 222 -22.13 -19.76 -20.19
CA GLU A 222 -22.12 -19.56 -21.63
C GLU A 222 -22.31 -18.08 -21.94
N TYR A 223 -22.21 -17.74 -23.21
CA TYR A 223 -22.65 -16.42 -23.67
C TYR A 223 -22.63 -16.40 -25.18
N SER A 224 -23.64 -15.75 -25.76
CA SER A 224 -23.77 -15.64 -27.21
C SER A 224 -23.15 -14.34 -27.69
N LEU A 225 -22.32 -14.43 -28.72
CA LEU A 225 -21.67 -13.28 -29.32
C LEU A 225 -21.82 -13.34 -30.82
N ASN A 226 -22.24 -12.23 -31.43
CA ASN A 226 -22.43 -12.16 -32.88
C ASN A 226 -23.27 -13.34 -33.38
N GLY A 227 -24.20 -13.80 -32.55
CA GLY A 227 -25.04 -14.94 -32.92
C GLY A 227 -24.33 -16.27 -32.84
N GLU A 228 -23.41 -16.44 -31.90
CA GLU A 228 -22.64 -17.66 -31.77
C GLU A 228 -22.43 -17.97 -30.30
N GLU A 229 -22.62 -19.23 -29.92
CA GLU A 229 -22.55 -19.66 -28.54
C GLU A 229 -21.11 -19.97 -28.15
N PHE A 230 -20.65 -19.36 -27.05
CA PHE A 230 -19.32 -19.60 -26.51
C PHE A 230 -19.45 -20.07 -25.06
N VAL A 231 -18.49 -20.89 -24.63
CA VAL A 231 -18.52 -21.53 -23.32
C VAL A 231 -17.24 -21.19 -22.57
N VAL A 232 -17.36 -21.07 -21.25
CA VAL A 232 -16.26 -20.79 -20.37
C VAL A 232 -16.15 -21.98 -19.43
N TYR A 233 -14.94 -22.48 -19.25
CA TYR A 233 -14.68 -23.64 -18.42
C TYR A 233 -13.59 -23.31 -17.41
N LYS A 234 -13.57 -24.00 -16.29
CA LYS A 234 -12.60 -23.79 -15.22
C LYS A 234 -11.93 -25.07 -14.87
N SER A 235 -10.62 -25.05 -14.68
CA SER A 235 -9.87 -26.22 -14.30
C SER A 235 -8.68 -25.90 -13.42
N SER A 236 -8.16 -26.86 -12.68
CA SER A 236 -6.99 -26.67 -11.82
C SER A 236 -5.78 -27.15 -12.58
N LEU A 237 -4.61 -26.63 -12.25
CA LEU A 237 -3.37 -26.92 -12.98
C LEU A 237 -2.68 -28.21 -12.55
N VAL A 238 -3.31 -29.01 -11.70
CA VAL A 238 -2.71 -30.25 -11.25
C VAL A 238 -3.22 -31.39 -12.13
N ASP A 239 -4.46 -31.27 -12.61
CA ASP A 239 -4.97 -32.19 -13.62
C ASP A 239 -3.99 -32.27 -14.79
N ASP A 240 -3.80 -33.48 -15.32
CA ASP A 240 -2.77 -33.69 -16.32
C ASP A 240 -3.14 -33.06 -17.66
N PHE A 241 -4.37 -33.25 -18.12
CA PHE A 241 -4.79 -32.66 -19.38
C PHE A 241 -4.77 -31.14 -19.31
N ALA A 242 -5.21 -30.58 -18.18
CA ALA A 242 -5.07 -29.14 -17.99
C ALA A 242 -3.62 -28.71 -18.08
N ARG A 243 -2.71 -29.49 -17.50
CA ARG A 243 -1.29 -29.17 -17.58
C ARG A 243 -0.80 -29.15 -19.02
N ARG A 244 -1.20 -30.16 -19.80
CA ARG A 244 -0.76 -30.23 -21.19
C ARG A 244 -1.28 -29.01 -21.98
N MET A 245 -2.58 -28.75 -21.88
CA MET A 245 -3.15 -27.62 -22.61
C MET A 245 -2.51 -26.30 -22.18
N HIS A 246 -2.24 -26.15 -20.87
CA HIS A 246 -1.65 -24.91 -20.39
C HIS A 246 -0.23 -24.76 -20.91
N ARG A 247 0.57 -25.83 -20.89
CA ARG A 247 1.92 -25.73 -21.42
C ARG A 247 1.91 -25.44 -22.91
N ARG A 248 0.87 -25.87 -23.61
CA ARG A 248 0.80 -25.59 -25.04
C ARG A 248 0.43 -24.13 -25.30
N VAL A 249 -0.54 -23.58 -24.56
CA VAL A 249 -0.95 -22.20 -24.77
C VAL A 249 -0.15 -21.20 -23.92
N GLN A 250 0.86 -21.67 -23.19
CA GLN A 250 1.56 -20.81 -22.24
C GLN A 250 2.44 -19.77 -22.93
N ILE A 251 3.02 -20.12 -24.09
CA ILE A 251 3.95 -19.21 -24.75
C ILE A 251 3.28 -17.91 -25.17
N PHE A 252 1.95 -17.90 -25.30
CA PHE A 252 1.25 -16.68 -25.66
C PHE A 252 1.35 -15.63 -24.55
N SER A 253 1.37 -16.06 -23.29
CA SER A 253 1.62 -15.12 -22.20
C SER A 253 2.92 -14.36 -22.43
N LEU A 254 3.99 -15.09 -22.77
CA LEU A 254 5.27 -14.44 -23.02
C LEU A 254 5.22 -13.57 -24.27
N LEU A 255 4.52 -14.01 -25.31
CA LEU A 255 4.57 -13.33 -26.58
C LEU A 255 3.66 -12.11 -26.66
N PHE A 256 2.65 -11.98 -25.79
CA PHE A 256 1.72 -10.87 -25.90
C PHE A 256 1.47 -10.12 -24.60
N ILE A 257 2.09 -10.51 -23.49
CA ILE A 257 1.89 -9.86 -22.20
C ILE A 257 3.27 -9.45 -21.67
N GLU A 258 3.50 -8.13 -21.58
CA GLU A 258 4.80 -7.65 -21.15
C GLU A 258 5.09 -8.07 -19.72
N ALA A 259 6.28 -8.64 -19.52
CA ALA A 259 6.78 -9.06 -18.21
C ALA A 259 6.12 -10.35 -17.73
N ALA A 260 5.29 -10.97 -18.54
CA ALA A 260 4.68 -12.24 -18.16
C ALA A 260 5.77 -13.29 -17.89
N ASN A 261 5.47 -14.20 -16.97
CA ASN A 261 6.36 -15.30 -16.65
C ASN A 261 5.54 -16.57 -16.50
N TYR A 262 6.14 -17.69 -16.86
CA TYR A 262 5.49 -18.98 -16.66
C TYR A 262 5.21 -19.19 -15.17
N ILE A 263 4.07 -19.79 -14.87
CA ILE A 263 3.61 -19.92 -13.50
C ILE A 263 3.98 -21.29 -12.97
N ASP A 264 3.89 -21.46 -11.65
CA ASP A 264 4.22 -22.74 -11.02
C ASP A 264 2.99 -23.64 -11.06
N GLU A 265 3.10 -24.78 -11.76
CA GLU A 265 1.98 -25.68 -11.91
C GLU A 265 1.79 -26.59 -10.68
N THR A 266 2.83 -26.78 -9.86
CA THR A 266 2.65 -27.53 -8.63
C THR A 266 1.72 -26.80 -7.66
N ASP A 267 1.67 -25.48 -7.75
CA ASP A 267 0.86 -24.67 -6.85
C ASP A 267 -0.62 -24.92 -7.14
N PRO A 268 -1.41 -25.37 -6.16
CA PRO A 268 -2.83 -25.66 -6.42
C PRO A 268 -3.75 -24.45 -6.35
N SER A 269 -3.26 -23.29 -5.90
CA SER A 269 -4.09 -22.10 -5.88
C SER A 269 -4.37 -21.54 -7.28
N TRP A 270 -3.66 -22.03 -8.30
CA TRP A 270 -3.86 -21.55 -9.66
C TRP A 270 -5.14 -22.14 -10.24
N GLN A 271 -6.05 -21.26 -10.67
CA GLN A 271 -7.20 -21.66 -11.44
C GLN A 271 -7.05 -21.15 -12.87
N ILE A 272 -7.57 -21.89 -13.84
CA ILE A 272 -7.46 -21.52 -15.24
C ILE A 272 -8.82 -21.59 -15.89
N TYR A 273 -9.23 -20.50 -16.51
CA TYR A 273 -10.48 -20.42 -17.26
C TYR A 273 -10.16 -20.46 -18.76
N TRP A 274 -10.87 -21.32 -19.48
CA TRP A 274 -10.70 -21.49 -20.91
C TRP A 274 -11.97 -21.03 -21.61
N LEU A 275 -11.82 -20.20 -22.64
CA LEU A 275 -12.94 -19.70 -23.42
C LEU A 275 -12.91 -20.39 -24.78
N LEU A 276 -13.96 -21.17 -25.07
CA LEU A 276 -14.06 -22.00 -26.26
C LEU A 276 -15.33 -21.65 -27.05
N ASN A 277 -15.33 -22.05 -28.32
CA ASN A 277 -16.52 -22.02 -29.16
C ASN A 277 -17.28 -23.31 -28.95
N LYS A 278 -18.55 -23.22 -28.55
CA LYS A 278 -19.28 -24.40 -28.10
C LYS A 278 -19.44 -25.43 -29.22
N LYS A 279 -19.67 -24.97 -30.46
CA LYS A 279 -19.98 -25.91 -31.53
C LYS A 279 -18.75 -26.38 -32.30
N THR A 280 -17.64 -25.63 -32.24
CA THR A 280 -16.42 -26.03 -32.95
C THR A 280 -15.31 -26.53 -32.03
N LYS A 281 -15.32 -26.14 -30.76
CA LYS A 281 -14.35 -26.54 -29.74
C LYS A 281 -13.04 -25.75 -29.85
N GLU A 282 -12.93 -24.83 -30.81
CA GLU A 282 -11.73 -23.99 -30.90
C GLU A 282 -11.55 -23.19 -29.62
N LEU A 283 -10.33 -23.17 -29.10
CA LEU A 283 -10.02 -22.39 -27.91
C LEU A 283 -9.85 -20.93 -28.29
N ILE A 284 -10.71 -20.07 -27.74
CA ILE A 284 -10.64 -18.65 -28.06
C ILE A 284 -9.73 -17.89 -27.12
N GLY A 285 -9.65 -18.30 -25.85
CA GLY A 285 -8.79 -17.56 -24.94
C GLY A 285 -8.61 -18.26 -23.61
N PHE A 286 -7.84 -17.63 -22.74
CA PHE A 286 -7.64 -18.21 -21.41
C PHE A 286 -7.24 -17.13 -20.41
N VAL A 287 -7.59 -17.39 -19.15
CA VAL A 287 -7.32 -16.48 -18.03
C VAL A 287 -6.81 -17.31 -16.86
N THR A 288 -5.59 -17.04 -16.42
CA THR A 288 -5.02 -17.66 -15.23
C THR A 288 -5.21 -16.73 -14.04
N THR A 289 -5.79 -17.27 -12.97
CA THR A 289 -6.13 -16.51 -11.77
C THR A 289 -5.60 -17.23 -10.54
N TYR A 290 -5.50 -16.47 -9.44
CA TYR A 290 -4.92 -16.96 -8.21
C TYR A 290 -5.77 -16.51 -7.03
N LYS A 291 -5.90 -17.37 -6.02
CA LYS A 291 -6.64 -17.08 -4.81
C LYS A 291 -5.67 -16.84 -3.66
N TYR A 292 -5.85 -15.72 -2.95
CA TYR A 292 -5.10 -15.41 -1.76
C TYR A 292 -6.00 -15.47 -0.54
N TRP A 293 -5.41 -15.78 0.62
CA TRP A 293 -6.15 -15.69 1.87
C TRP A 293 -6.41 -14.23 2.20
N HIS A 294 -7.58 -13.95 2.77
CA HIS A 294 -7.99 -12.58 3.09
C HIS A 294 -8.33 -12.50 4.57
N TYR A 295 -7.47 -11.82 5.34
CA TYR A 295 -7.72 -11.60 6.76
C TYR A 295 -8.48 -10.29 6.93
N LEU A 296 -9.61 -10.35 7.63
CA LEU A 296 -10.46 -9.19 7.85
C LEU A 296 -10.49 -8.77 9.30
N GLY A 297 -9.65 -9.38 10.15
CA GLY A 297 -9.67 -9.08 11.57
C GLY A 297 -9.97 -10.32 12.40
N ALA A 298 -9.65 -10.26 13.69
CA ALA A 298 -9.87 -11.42 14.55
C ALA A 298 -11.34 -11.82 14.57
N LYS A 299 -12.25 -10.84 14.59
CA LYS A 299 -13.67 -11.14 14.72
C LYS A 299 -14.19 -11.88 13.49
N SER A 300 -14.02 -11.29 12.31
CA SER A 300 -14.51 -11.91 11.08
C SER A 300 -13.93 -13.30 10.90
N PHE A 301 -12.61 -13.43 11.08
CA PHE A 301 -11.94 -14.71 10.88
C PHE A 301 -12.35 -15.73 11.94
N ASP A 302 -12.74 -15.28 13.13
CA ASP A 302 -13.16 -16.18 14.19
C ASP A 302 -14.62 -16.61 14.07
N GLU A 303 -15.45 -15.81 13.41
CA GLU A 303 -16.88 -16.13 13.34
C GLU A 303 -17.12 -17.50 12.73
N ASP A 304 -16.75 -17.69 11.47
CA ASP A 304 -17.04 -18.92 10.74
C ASP A 304 -15.75 -19.57 10.26
N ILE A 305 -15.87 -20.88 9.97
CA ILE A 305 -14.71 -21.69 9.65
C ILE A 305 -14.15 -21.36 8.26
N ASP A 306 -15.00 -20.94 7.33
CA ASP A 306 -14.67 -20.99 5.92
C ASP A 306 -13.62 -19.93 5.56
N LYS A 307 -12.46 -20.39 5.10
CA LYS A 307 -11.41 -19.50 4.62
C LYS A 307 -11.94 -18.60 3.50
N LYS A 308 -11.73 -17.30 3.65
CA LYS A 308 -12.14 -16.31 2.65
C LYS A 308 -10.93 -15.87 1.84
N PHE A 309 -11.19 -15.44 0.60
CA PHE A 309 -10.13 -15.28 -0.39
C PHE A 309 -10.20 -13.94 -1.10
N ARG A 310 -9.01 -13.42 -1.42
CA ARG A 310 -8.85 -12.36 -2.42
C ARG A 310 -8.54 -13.02 -3.75
N ALA A 311 -9.47 -12.94 -4.70
CA ALA A 311 -9.30 -13.56 -6.01
C ALA A 311 -8.64 -12.56 -6.96
N LYS A 312 -7.59 -13.00 -7.64
CA LYS A 312 -6.78 -12.12 -8.49
C LYS A 312 -6.73 -12.66 -9.90
N ILE A 313 -6.96 -11.78 -10.87
CA ILE A 313 -6.72 -12.11 -12.28
C ILE A 313 -5.26 -11.83 -12.57
N SER A 314 -4.50 -12.87 -12.93
CA SER A 314 -3.07 -12.75 -13.15
C SER A 314 -2.71 -12.61 -14.63
N GLN A 315 -3.23 -13.50 -15.48
CA GLN A 315 -2.97 -13.42 -16.91
C GLN A 315 -4.29 -13.54 -17.66
N PHE A 316 -4.46 -12.69 -18.67
CA PHE A 316 -5.72 -12.59 -19.41
C PHE A 316 -5.38 -12.48 -20.88
N LEU A 317 -5.80 -13.45 -21.69
CA LEU A 317 -5.40 -13.45 -23.09
C LEU A 317 -6.53 -13.93 -23.99
N ILE A 318 -6.85 -13.11 -24.99
CA ILE A 318 -7.67 -13.51 -26.13
C ILE A 318 -6.75 -13.55 -27.34
N PHE A 319 -6.77 -14.66 -28.07
CA PHE A 319 -5.84 -14.83 -29.17
C PHE A 319 -6.09 -13.77 -30.23
N PRO A 320 -5.05 -13.22 -30.85
CA PRO A 320 -5.22 -12.08 -31.76
C PRO A 320 -6.32 -12.30 -32.78
N PRO A 321 -6.42 -13.49 -33.38
CA PRO A 321 -7.49 -13.71 -34.36
C PRO A 321 -8.88 -13.34 -33.85
N TYR A 322 -9.23 -13.75 -32.64
CA TYR A 322 -10.57 -13.56 -32.11
C TYR A 322 -10.73 -12.27 -31.32
N GLN A 323 -9.74 -11.38 -31.37
CA GLN A 323 -9.81 -10.14 -30.61
C GLN A 323 -10.74 -9.14 -31.29
N ASN A 324 -11.21 -8.17 -30.49
CA ASN A 324 -12.01 -7.05 -30.95
C ASN A 324 -13.40 -7.46 -31.43
N LYS A 325 -13.86 -8.64 -31.06
CA LYS A 325 -15.21 -9.09 -31.39
C LYS A 325 -16.15 -9.03 -30.19
N GLY A 326 -15.68 -8.53 -29.05
CA GLY A 326 -16.45 -8.53 -27.82
C GLY A 326 -16.10 -9.65 -26.86
N HIS A 327 -15.14 -10.51 -27.21
CA HIS A 327 -14.87 -11.68 -26.39
C HIS A 327 -14.31 -11.29 -25.03
N GLY A 328 -13.19 -10.59 -25.00
CA GLY A 328 -12.55 -10.21 -23.75
C GLY A 328 -13.52 -9.69 -22.70
N SER A 329 -14.44 -8.81 -23.12
CA SER A 329 -15.41 -8.25 -22.18
C SER A 329 -16.33 -9.34 -21.64
N CYS A 330 -16.87 -10.19 -22.53
CA CYS A 330 -17.76 -11.24 -22.07
C CYS A 330 -17.05 -12.20 -21.12
N LEU A 331 -15.78 -12.50 -21.40
CA LEU A 331 -15.03 -13.41 -20.54
C LEU A 331 -14.78 -12.77 -19.17
N TYR A 332 -14.34 -11.52 -19.14
CA TYR A 332 -14.17 -10.82 -17.88
C TYR A 332 -15.47 -10.80 -17.08
N GLU A 333 -16.60 -10.53 -17.75
CA GLU A 333 -17.87 -10.44 -17.03
C GLU A 333 -18.31 -11.80 -16.51
N ALA A 334 -18.09 -12.86 -17.31
CA ALA A 334 -18.45 -14.20 -16.85
C ALA A 334 -17.63 -14.59 -15.61
N ILE A 335 -16.32 -14.32 -15.65
CA ILE A 335 -15.48 -14.65 -14.51
C ILE A 335 -15.91 -13.84 -13.28
N ILE A 336 -16.14 -12.53 -13.46
CA ILE A 336 -16.56 -11.70 -12.33
C ILE A 336 -17.89 -12.17 -11.78
N GLN A 337 -18.78 -12.66 -12.65
CA GLN A 337 -20.08 -13.13 -12.19
C GLN A 337 -19.94 -14.41 -11.38
N SER A 338 -19.16 -15.37 -11.88
CA SER A 338 -18.93 -16.59 -11.12
C SER A 338 -18.26 -16.28 -9.79
N TRP A 339 -17.43 -15.24 -9.73
CA TRP A 339 -16.79 -14.89 -8.47
C TRP A 339 -17.72 -14.14 -7.53
N LEU A 340 -18.66 -13.36 -8.07
CA LEU A 340 -19.66 -12.71 -7.23
C LEU A 340 -20.60 -13.75 -6.61
N GLU A 341 -21.02 -14.73 -7.40
CA GLU A 341 -21.88 -15.78 -6.88
C GLU A 341 -21.18 -16.66 -5.85
N ASP A 342 -19.84 -16.62 -5.82
CA ASP A 342 -19.08 -17.46 -4.90
C ASP A 342 -19.01 -16.82 -3.52
N LYS A 343 -19.26 -17.61 -2.48
CA LYS A 343 -19.27 -17.10 -1.12
C LYS A 343 -17.87 -16.89 -0.55
N SER A 344 -16.88 -17.65 -1.03
CA SER A 344 -15.53 -17.57 -0.46
C SER A 344 -14.75 -16.36 -0.93
N ILE A 345 -15.14 -15.73 -2.03
CA ILE A 345 -14.41 -14.59 -2.57
C ILE A 345 -14.93 -13.32 -1.91
N THR A 346 -14.00 -12.42 -1.56
CA THR A 346 -14.36 -11.14 -0.96
C THR A 346 -13.79 -9.94 -1.68
N GLU A 347 -12.78 -10.09 -2.52
CA GLU A 347 -12.24 -9.00 -3.32
C GLU A 347 -11.80 -9.54 -4.68
N ILE A 348 -11.91 -8.69 -5.70
CA ILE A 348 -11.53 -9.02 -7.06
C ILE A 348 -10.37 -8.10 -7.43
N THR A 349 -9.19 -8.68 -7.62
CA THR A 349 -7.97 -7.93 -7.92
C THR A 349 -7.44 -8.29 -9.29
N VAL A 350 -6.44 -7.52 -9.73
CA VAL A 350 -5.77 -7.73 -11.01
C VAL A 350 -4.31 -7.33 -10.85
N GLU A 351 -3.42 -8.12 -11.44
CA GLU A 351 -1.99 -7.89 -11.32
C GLU A 351 -1.50 -6.98 -12.44
N ASP A 352 -0.75 -5.94 -12.08
CA ASP A 352 -0.01 -5.06 -12.98
C ASP A 352 -0.69 -4.89 -14.33
N PRO A 353 -1.94 -4.45 -14.37
CA PRO A 353 -2.65 -4.34 -15.66
C PRO A 353 -2.07 -3.20 -16.51
N ASN A 354 -1.84 -3.49 -17.78
CA ASN A 354 -1.49 -2.45 -18.74
C ASN A 354 -2.76 -1.75 -19.24
N GLU A 355 -2.56 -0.65 -19.98
CA GLU A 355 -3.67 0.25 -20.27
C GLU A 355 -4.81 -0.48 -20.98
N ALA A 356 -4.48 -1.44 -21.84
CA ALA A 356 -5.53 -2.17 -22.54
C ALA A 356 -6.48 -2.84 -21.55
N PHE A 357 -5.93 -3.64 -20.63
CA PHE A 357 -6.77 -4.29 -19.64
C PHE A 357 -7.35 -3.29 -18.66
N ASP A 358 -6.62 -2.21 -18.36
CA ASP A 358 -7.19 -1.14 -17.53
C ASP A 358 -8.51 -0.65 -18.12
N ASP A 359 -8.52 -0.38 -19.43
CA ASP A 359 -9.73 0.16 -20.06
C ASP A 359 -10.81 -0.90 -20.18
N LEU A 360 -10.44 -2.14 -20.52
CA LEU A 360 -11.44 -3.21 -20.54
C LEU A 360 -12.12 -3.33 -19.18
N ARG A 361 -11.32 -3.33 -18.11
CA ARG A 361 -11.83 -3.46 -16.76
C ARG A 361 -12.75 -2.31 -16.41
N ASP A 362 -12.32 -1.07 -16.69
CA ASP A 362 -13.14 0.08 -16.36
C ASP A 362 -14.44 0.09 -17.14
N ARG A 363 -14.38 -0.24 -18.44
CA ARG A 363 -15.59 -0.29 -19.25
C ARG A 363 -16.60 -1.27 -18.64
N ASN A 364 -16.17 -2.51 -18.42
CA ASN A 364 -17.13 -3.51 -17.94
C ASN A 364 -17.58 -3.25 -16.52
N ASP A 365 -16.72 -2.69 -15.67
CA ASP A 365 -17.12 -2.39 -14.31
C ASP A 365 -18.13 -1.25 -14.26
N ILE A 366 -17.94 -0.22 -15.09
CA ILE A 366 -18.93 0.85 -15.16
C ILE A 366 -20.25 0.31 -15.70
N GLN A 367 -20.19 -0.54 -16.73
CA GLN A 367 -21.40 -1.18 -17.22
C GLN A 367 -22.14 -1.90 -16.09
N ARG A 368 -21.41 -2.72 -15.34
CA ARG A 368 -22.01 -3.48 -14.25
C ARG A 368 -22.63 -2.56 -13.20
N LEU A 369 -21.88 -1.54 -12.76
CA LEU A 369 -22.40 -0.63 -11.74
C LEU A 369 -23.63 0.13 -12.24
N ARG A 370 -23.68 0.43 -13.54
CA ARG A 370 -24.86 1.09 -14.08
C ARG A 370 -26.07 0.16 -14.09
N LYS A 371 -25.86 -1.11 -14.41
CA LYS A 371 -26.98 -2.06 -14.38
C LYS A 371 -27.60 -2.14 -12.99
N LEU A 372 -26.83 -1.85 -11.94
CA LEU A 372 -27.32 -1.93 -10.57
C LEU A 372 -27.84 -0.60 -10.04
N GLY A 373 -27.83 0.45 -10.84
CA GLY A 373 -28.34 1.74 -10.42
C GLY A 373 -27.44 2.55 -9.53
N TYR A 374 -26.15 2.19 -9.41
CA TYR A 374 -25.23 2.99 -8.62
C TYR A 374 -25.01 4.37 -9.21
N ASP A 375 -25.22 4.54 -10.52
CA ASP A 375 -25.12 5.86 -11.12
C ASP A 375 -26.13 6.82 -10.49
N ALA A 376 -27.40 6.41 -10.42
CA ALA A 376 -28.41 7.25 -9.79
C ALA A 376 -28.05 7.53 -8.33
N VAL A 377 -27.61 6.51 -7.61
CA VAL A 377 -27.27 6.68 -6.20
C VAL A 377 -26.19 7.74 -6.02
N PHE A 378 -25.09 7.62 -6.78
CA PHE A 378 -23.96 8.52 -6.59
C PHE A 378 -24.19 9.90 -7.17
N GLN A 379 -25.09 10.05 -8.16
CA GLN A 379 -25.39 11.38 -8.66
C GLN A 379 -26.50 12.06 -7.86
N LYS A 380 -27.27 11.31 -7.07
CA LYS A 380 -28.31 11.89 -6.23
C LYS A 380 -27.81 12.30 -4.86
N HIS A 381 -26.71 11.72 -4.36
CA HIS A 381 -26.27 11.94 -3.00
C HIS A 381 -24.77 12.21 -2.95
N SER A 382 -24.39 13.17 -2.10
CA SER A 382 -23.02 13.31 -1.64
C SER A 382 -22.91 13.13 -0.13
N ASP A 383 -24.04 12.96 0.55
CA ASP A 383 -24.09 12.75 1.99
C ASP A 383 -23.81 11.30 2.40
N LEU A 384 -23.65 10.41 1.43
CA LEU A 384 -23.57 8.97 1.69
C LEU A 384 -22.69 8.67 2.90
N SER A 385 -23.25 7.90 3.84
CA SER A 385 -22.55 7.56 5.07
C SER A 385 -21.48 6.50 4.79
N ASP A 386 -20.49 6.46 5.69
CA ASP A 386 -19.42 5.47 5.54
C ASP A 386 -19.96 4.05 5.58
N GLU A 387 -21.02 3.80 6.35
CA GLU A 387 -21.65 2.49 6.33
C GLU A 387 -22.14 2.13 4.94
N PHE A 388 -22.82 3.07 4.28
CA PHE A 388 -23.31 2.81 2.92
C PHE A 388 -22.16 2.56 1.96
N LEU A 389 -21.14 3.42 1.99
CA LEU A 389 -20.00 3.26 1.09
C LEU A 389 -19.32 1.92 1.30
N GLU A 390 -19.08 1.54 2.55
CA GLU A 390 -18.41 0.26 2.83
C GLU A 390 -19.28 -0.92 2.41
N SER A 391 -20.57 -0.88 2.73
CA SER A 391 -21.45 -1.97 2.36
C SER A 391 -21.49 -2.14 0.84
N SER A 392 -21.52 -1.03 0.10
CA SER A 392 -21.53 -1.12 -1.35
C SER A 392 -20.19 -1.64 -1.89
N ARG A 393 -19.09 -1.12 -1.36
CA ARG A 393 -17.77 -1.58 -1.81
C ARG A 393 -17.61 -3.08 -1.60
N LYS A 394 -18.10 -3.59 -0.47
CA LYS A 394 -17.96 -5.02 -0.19
C LYS A 394 -18.97 -5.86 -0.94
N SER A 395 -20.17 -5.33 -1.21
CA SER A 395 -21.14 -6.05 -2.01
C SER A 395 -20.65 -6.22 -3.44
N LEU A 396 -20.03 -5.16 -4.00
CA LEU A 396 -19.48 -5.26 -5.35
C LEU A 396 -18.21 -6.11 -5.40
N LYS A 397 -17.58 -6.35 -4.25
CA LYS A 397 -16.34 -7.14 -4.18
C LYS A 397 -15.20 -6.47 -4.95
N LEU A 398 -15.25 -5.15 -5.07
CA LEU A 398 -14.21 -4.42 -5.79
C LEU A 398 -13.13 -3.96 -4.83
N GLU A 399 -11.90 -3.90 -5.35
CA GLU A 399 -10.81 -3.33 -4.59
C GLU A 399 -11.11 -1.87 -4.27
N GLU A 400 -10.57 -1.38 -3.16
CA GLU A 400 -10.92 -0.05 -2.67
C GLU A 400 -10.51 1.04 -3.67
N ARG A 401 -9.27 0.96 -4.17
CA ARG A 401 -8.77 1.98 -5.09
C ARG A 401 -9.63 2.02 -6.36
N GLN A 402 -9.89 0.85 -6.95
CA GLN A 402 -10.76 0.78 -8.11
C GLN A 402 -12.16 1.30 -7.79
N PHE A 403 -12.64 1.05 -6.57
CA PHE A 403 -13.97 1.53 -6.18
C PHE A 403 -14.01 3.06 -6.20
N ASN A 404 -12.98 3.71 -5.64
CA ASN A 404 -12.96 5.17 -5.65
C ASN A 404 -12.83 5.71 -7.07
N ARG A 405 -12.00 5.06 -7.90
CA ARG A 405 -11.91 5.44 -9.31
C ARG A 405 -13.30 5.40 -9.95
N LEU A 406 -14.01 4.29 -9.78
CA LEU A 406 -15.32 4.12 -10.40
C LEU A 406 -16.34 5.12 -9.85
N VAL A 407 -16.22 5.49 -8.57
CA VAL A 407 -17.14 6.50 -8.02
C VAL A 407 -16.92 7.84 -8.72
N GLU A 408 -15.67 8.31 -8.74
CA GLU A 408 -15.37 9.56 -9.42
C GLU A 408 -15.63 9.47 -10.92
N MET A 409 -15.74 8.26 -11.48
CA MET A 409 -16.12 8.12 -12.89
C MET A 409 -17.62 8.26 -13.08
N LEU A 410 -18.41 7.51 -12.30
CA LEU A 410 -19.86 7.60 -12.36
C LEU A 410 -20.35 9.00 -12.04
N LEU A 411 -19.56 9.79 -11.31
CA LEU A 411 -19.97 11.17 -11.08
C LEU A 411 -19.80 12.05 -12.31
N LEU A 412 -19.14 11.56 -13.35
CA LEU A 412 -18.98 12.31 -14.59
C LEU A 412 -19.85 11.77 -15.72
N LEU A 413 -21.04 11.26 -15.39
CA LEU A 413 -21.95 10.69 -16.37
C LEU A 413 -22.97 11.75 -16.81
N ASN A 414 -23.19 11.82 -18.12
CA ASN A 414 -24.13 12.78 -18.69
C ASN A 414 -23.90 14.19 -18.16
N LEU B 8 28.01 -3.61 -1.96
CA LEU B 8 27.16 -4.52 -1.19
C LEU B 8 27.94 -5.14 -0.03
N SER B 9 28.37 -4.29 0.91
CA SER B 9 29.10 -4.73 2.10
C SER B 9 28.32 -4.32 3.34
N VAL B 10 28.56 -5.07 4.43
CA VAL B 10 27.84 -4.82 5.67
C VAL B 10 27.96 -3.35 6.08
N ASP B 11 29.19 -2.82 6.04
CA ASP B 11 29.40 -1.44 6.46
C ASP B 11 28.82 -0.45 5.47
N GLU B 12 28.92 -0.75 4.17
CA GLU B 12 28.33 0.14 3.17
C GLU B 12 26.81 0.13 3.26
N GLU B 13 26.21 -1.05 3.46
CA GLU B 13 24.77 -1.13 3.69
C GLU B 13 24.38 -0.37 4.94
N TYR B 14 25.20 -0.44 5.99
CA TYR B 14 24.90 0.30 7.22
C TYR B 14 24.98 1.80 6.98
N ASP B 15 25.94 2.24 6.16
CA ASP B 15 26.03 3.66 5.83
C ASP B 15 24.78 4.11 5.08
N LEU B 16 24.33 3.30 4.12
CA LEU B 16 23.05 3.58 3.45
C LEU B 16 21.93 3.71 4.47
N TRP B 17 21.82 2.74 5.38
CA TRP B 17 20.73 2.73 6.35
C TRP B 17 20.75 3.98 7.23
N LYS B 18 21.92 4.33 7.76
CA LYS B 18 22.03 5.52 8.59
C LYS B 18 21.92 6.81 7.78
N SER B 19 22.06 6.74 6.46
CA SER B 19 21.75 7.89 5.62
C SER B 19 20.25 8.04 5.43
N ASN B 20 19.51 6.95 5.48
CA ASN B 20 18.06 7.01 5.37
C ASN B 20 17.34 6.98 6.73
N VAL B 21 18.08 6.93 7.83
CA VAL B 21 17.50 6.85 9.17
C VAL B 21 16.50 7.97 9.41
N PRO B 22 16.80 9.22 9.03
CA PRO B 22 15.83 10.30 9.30
C PRO B 22 14.47 10.08 8.65
N LEU B 23 14.44 9.67 7.38
CA LEU B 23 13.16 9.51 6.69
C LEU B 23 12.40 8.28 7.14
N MET B 24 13.07 7.31 7.77
CA MET B 24 12.46 6.01 8.05
C MET B 24 11.95 5.87 9.48
N TYR B 25 12.55 6.56 10.45
CA TYR B 25 12.28 6.29 11.86
C TYR B 25 11.91 7.57 12.59
N ASP B 26 10.95 7.44 13.52
CA ASP B 26 10.66 8.53 14.45
C ASP B 26 11.69 8.62 15.56
N PHE B 27 12.41 7.53 15.84
CA PHE B 27 13.41 7.51 16.89
C PHE B 27 14.32 6.29 16.77
N VAL B 28 15.63 6.51 16.85
CA VAL B 28 16.62 5.43 16.88
C VAL B 28 17.61 5.72 17.99
N SER B 29 18.04 4.67 18.67
CA SER B 29 19.02 4.81 19.75
C SER B 29 19.90 3.59 19.75
N GLU B 30 21.16 3.76 19.37
CA GLU B 30 22.13 2.68 19.33
C GLU B 30 22.97 2.70 20.59
N THR B 31 23.30 1.52 21.09
CA THR B 31 24.06 1.40 22.34
C THR B 31 24.92 0.15 22.27
N ARG B 32 26.21 0.31 22.48
CA ARG B 32 27.16 -0.79 22.42
C ARG B 32 27.32 -1.40 23.81
N LEU B 33 27.13 -2.71 23.91
CA LEU B 33 27.15 -3.42 25.19
C LEU B 33 28.53 -4.01 25.44
N THR B 34 28.94 -4.01 26.71
CA THR B 34 30.20 -4.63 27.09
C THR B 34 30.26 -6.08 26.63
N TRP B 35 29.23 -6.86 26.98
CA TRP B 35 29.06 -8.23 26.52
C TRP B 35 27.78 -8.34 25.71
N PRO B 36 27.76 -9.18 24.67
CA PRO B 36 26.57 -9.29 23.82
C PRO B 36 25.43 -9.96 24.57
N SER B 37 24.28 -9.30 24.58
CA SER B 37 23.10 -9.84 25.23
C SER B 37 22.39 -10.82 24.31
N LEU B 38 21.93 -11.94 24.88
CA LEU B 38 21.21 -12.95 24.11
C LEU B 38 19.71 -12.76 24.13
N THR B 39 19.19 -12.03 25.13
CA THR B 39 17.75 -11.85 25.26
C THR B 39 17.45 -10.41 25.63
N VAL B 40 16.28 -9.93 25.21
CA VAL B 40 15.79 -8.60 25.54
C VAL B 40 14.30 -8.70 25.81
N GLN B 41 13.84 -7.95 26.82
CA GLN B 41 12.39 -7.87 27.04
C GLN B 41 12.04 -6.56 27.73
N TRP B 42 11.02 -5.87 27.21
CA TRP B 42 10.54 -4.66 27.87
C TRP B 42 9.79 -5.04 29.15
N LEU B 43 10.01 -4.26 30.18
CA LEU B 43 9.23 -4.51 31.38
C LEU B 43 7.94 -3.68 31.38
N PRO B 44 6.90 -4.15 32.08
CA PRO B 44 5.60 -3.45 32.08
C PRO B 44 5.57 -2.24 33.00
N THR B 45 6.50 -1.31 32.77
CA THR B 45 6.60 -0.10 33.58
C THR B 45 5.63 0.94 33.04
N PRO B 46 4.58 1.31 33.77
CA PRO B 46 3.68 2.35 33.28
C PRO B 46 4.44 3.62 32.94
N VAL B 47 3.97 4.33 31.92
CA VAL B 47 4.66 5.49 31.39
C VAL B 47 4.70 6.58 32.47
N GLN B 48 5.89 6.89 32.97
CA GLN B 48 6.07 7.91 33.99
C GLN B 48 6.54 9.21 33.35
N GLU B 49 5.78 10.28 33.55
CA GLU B 49 6.19 11.59 33.08
C GLU B 49 7.44 12.05 33.83
N LEU B 50 8.39 12.61 33.09
CA LEU B 50 9.62 13.15 33.65
C LEU B 50 9.77 14.62 33.28
N ASP B 51 10.79 15.24 33.86
CA ASP B 51 11.10 16.63 33.58
C ASP B 51 11.81 16.75 32.24
N GLY B 52 11.50 17.81 31.50
CA GLY B 52 12.15 18.07 30.23
C GLY B 52 11.83 17.07 29.14
N GLY B 53 10.62 16.49 29.16
CA GLY B 53 10.21 15.61 28.09
C GLY B 53 10.90 14.25 28.05
N PHE B 54 11.16 13.67 29.21
CA PHE B 54 11.74 12.33 29.29
C PHE B 54 10.67 11.31 29.68
N ILE B 55 10.85 10.08 29.22
CA ILE B 55 9.98 8.97 29.55
C ILE B 55 10.85 7.77 29.91
N LYS B 56 10.60 7.17 31.07
CA LYS B 56 11.43 6.11 31.61
C LYS B 56 10.81 4.75 31.30
N GLN B 57 11.51 3.93 30.53
CA GLN B 57 11.12 2.56 30.28
C GLN B 57 12.20 1.64 30.82
N GLU B 58 11.81 0.42 31.16
CA GLU B 58 12.73 -0.53 31.78
C GLU B 58 12.91 -1.76 30.88
N LEU B 59 14.07 -2.38 31.00
CA LEU B 59 14.44 -3.48 30.11
C LEU B 59 15.14 -4.58 30.89
N ILE B 60 14.88 -5.82 30.51
CA ILE B 60 15.60 -6.99 30.98
C ILE B 60 16.53 -7.43 29.86
N ILE B 61 17.83 -7.47 30.16
CA ILE B 61 18.82 -7.97 29.21
C ILE B 61 19.69 -8.99 29.92
N GLY B 62 20.33 -9.84 29.12
CA GLY B 62 21.26 -10.83 29.62
C GLY B 62 22.68 -10.56 29.15
N THR B 63 23.57 -11.48 29.53
CA THR B 63 24.96 -11.42 29.12
C THR B 63 25.39 -12.77 28.60
N HIS B 64 26.44 -12.76 27.78
CA HIS B 64 27.03 -14.00 27.26
C HIS B 64 28.52 -13.75 27.14
N THR B 65 29.29 -14.25 28.10
CA THR B 65 30.73 -14.07 28.13
C THR B 65 31.50 -15.26 27.55
N SER B 66 30.85 -16.42 27.43
CA SER B 66 31.46 -17.60 26.81
C SER B 66 32.62 -18.12 27.65
N GLY B 67 32.44 -18.12 28.98
CA GLY B 67 33.45 -18.60 29.90
C GLY B 67 34.48 -17.58 30.32
N GLU B 68 34.33 -16.32 29.89
CA GLU B 68 35.33 -15.30 30.22
C GLU B 68 35.14 -14.77 31.63
N GLU B 69 33.99 -14.18 31.92
CA GLU B 69 33.74 -13.49 33.18
C GLU B 69 32.36 -13.87 33.69
N GLU B 70 31.99 -13.29 34.83
CA GLU B 70 30.70 -13.58 35.45
C GLU B 70 29.58 -12.96 34.63
N ASN B 71 28.48 -13.70 34.52
CA ASN B 71 27.31 -13.25 33.77
C ASN B 71 26.29 -12.62 34.71
N TYR B 72 25.51 -11.69 34.19
CA TYR B 72 24.55 -10.96 35.01
C TYR B 72 23.23 -10.81 34.27
N LEU B 73 22.14 -11.08 34.97
CA LEU B 73 20.83 -10.59 34.57
C LEU B 73 20.76 -9.10 34.89
N LYS B 74 20.63 -8.27 33.85
CA LYS B 74 20.70 -6.83 34.00
C LYS B 74 19.33 -6.20 33.79
N PHE B 75 18.94 -5.33 34.72
CA PHE B 75 17.76 -4.49 34.61
C PHE B 75 18.24 -3.08 34.30
N ALA B 76 17.93 -2.61 33.09
CA ALA B 76 18.37 -1.32 32.60
C ALA B 76 17.18 -0.38 32.44
N GLU B 77 17.48 0.90 32.26
CA GLU B 77 16.46 1.95 32.18
C GLU B 77 16.80 2.89 31.03
N ILE B 78 15.93 2.93 30.03
CA ILE B 78 16.07 3.81 28.87
C ILE B 78 15.23 5.06 29.08
N ASN B 79 15.74 6.19 28.62
CA ASN B 79 15.03 7.46 28.61
C ASN B 79 14.71 7.84 27.16
N LEU B 80 13.43 7.97 26.86
CA LEU B 80 12.93 8.27 25.52
C LEU B 80 12.30 9.64 25.47
N PRO B 81 12.39 10.34 24.33
CA PRO B 81 11.69 11.62 24.21
C PRO B 81 10.18 11.44 24.30
N LYS B 82 9.52 12.48 24.85
CA LYS B 82 8.08 12.38 25.10
C LYS B 82 7.29 12.16 23.82
N GLU B 83 7.83 12.59 22.68
CA GLU B 83 7.05 12.57 21.44
C GLU B 83 6.70 11.15 20.99
N ILE B 84 7.43 10.14 21.47
CA ILE B 84 7.13 8.77 21.08
C ILE B 84 5.73 8.37 21.48
N LEU B 85 5.23 8.92 22.60
CA LEU B 85 3.99 8.41 23.18
C LEU B 85 2.77 8.66 22.28
N SER B 86 2.78 9.75 21.51
CA SER B 86 1.62 10.09 20.69
C SER B 86 1.99 10.24 19.22
N SER B 107 18.76 11.23 27.66
CA SER B 107 19.53 10.66 26.57
C SER B 107 20.57 9.67 27.08
N ASN B 108 20.33 9.15 28.28
CA ASN B 108 21.28 8.28 28.96
C ASN B 108 20.65 6.92 29.22
N ILE B 109 21.41 5.86 28.96
CA ILE B 109 21.00 4.49 29.27
C ILE B 109 21.74 4.06 30.53
N ARG B 110 21.00 3.71 31.57
CA ARG B 110 21.57 3.35 32.86
C ARG B 110 21.14 1.95 33.25
N ILE B 111 21.97 1.29 34.05
CA ILE B 111 21.69 -0.04 34.58
C ILE B 111 21.15 0.14 36.00
N THR B 112 19.84 -0.05 36.16
CA THR B 112 19.24 0.12 37.48
C THR B 112 19.67 -1.00 38.42
N ALA B 113 19.83 -2.22 37.92
CA ALA B 113 20.18 -3.33 38.79
C ALA B 113 20.93 -4.41 38.02
N LYS B 114 21.73 -5.19 38.75
CA LYS B 114 22.41 -6.35 38.21
C LYS B 114 22.19 -7.52 39.15
N TYR B 115 22.33 -8.73 38.61
CA TYR B 115 22.31 -9.92 39.46
C TYR B 115 23.20 -11.00 38.87
N GLU B 116 24.17 -11.45 39.66
CA GLU B 116 25.00 -12.58 39.28
C GLU B 116 24.11 -13.75 38.86
N HIS B 117 24.51 -14.39 37.76
CA HIS B 117 23.71 -15.51 37.18
C HIS B 117 24.66 -16.64 36.79
N GLU B 118 24.24 -17.88 37.05
CA GLU B 118 25.07 -19.08 36.70
C GLU B 118 25.07 -19.23 35.18
N GLU B 119 26.22 -19.54 34.59
CA GLU B 119 26.34 -19.74 33.13
C GLU B 119 25.82 -18.50 32.40
N GLU B 120 24.91 -18.65 31.42
CA GLU B 120 24.41 -17.47 30.69
C GLU B 120 22.91 -17.60 30.41
N ILE B 121 22.26 -16.45 30.19
CA ILE B 121 20.83 -16.33 29.91
C ILE B 121 20.62 -16.44 28.41
N THR B 122 19.88 -17.47 27.99
CA THR B 122 19.48 -17.60 26.59
C THR B 122 18.12 -16.95 26.33
N ARG B 123 17.20 -17.04 27.29
CA ARG B 123 15.90 -16.38 27.20
C ARG B 123 15.45 -16.01 28.60
N ALA B 124 14.87 -14.82 28.74
CA ALA B 124 14.41 -14.33 30.04
C ALA B 124 13.05 -13.69 29.85
N ARG B 125 12.07 -14.17 30.60
CA ARG B 125 10.70 -13.66 30.55
C ARG B 125 10.24 -13.32 31.95
N TYR B 126 9.75 -12.09 32.14
CA TYR B 126 9.15 -11.72 33.42
C TYR B 126 7.76 -12.33 33.53
N MET B 127 7.38 -12.67 34.75
CA MET B 127 6.06 -13.24 34.96
C MET B 127 4.99 -12.21 34.58
N PRO B 128 4.01 -12.59 33.76
CA PRO B 128 3.01 -11.59 33.35
C PRO B 128 2.23 -11.00 34.52
N GLN B 129 1.82 -11.84 35.47
CA GLN B 129 1.02 -11.38 36.59
C GLN B 129 1.85 -10.74 37.71
N ASP B 130 3.17 -10.85 37.66
CA ASP B 130 4.03 -10.30 38.70
C ASP B 130 5.30 -9.76 38.06
N PRO B 131 5.31 -8.48 37.67
CA PRO B 131 6.48 -7.92 36.98
C PRO B 131 7.76 -7.95 37.79
N ASN B 132 7.69 -8.27 39.09
CA ASN B 132 8.89 -8.33 39.91
C ASN B 132 9.64 -9.65 39.75
N ILE B 133 8.91 -10.75 39.53
CA ILE B 133 9.58 -12.03 39.27
C ILE B 133 10.16 -12.02 37.86
N VAL B 134 11.19 -12.84 37.66
CA VAL B 134 11.78 -13.00 36.33
C VAL B 134 12.34 -14.40 36.22
N ALA B 135 11.93 -15.13 35.18
CA ALA B 135 12.43 -16.48 34.95
C ALA B 135 13.48 -16.45 33.83
N THR B 136 14.55 -17.22 34.04
CA THR B 136 15.64 -17.30 33.08
C THR B 136 16.00 -18.76 32.83
N ILE B 137 16.54 -19.02 31.65
CA ILE B 137 17.05 -20.34 31.29
C ILE B 137 18.47 -20.14 30.77
N ASN B 138 19.38 -21.03 31.17
CA ASN B 138 20.80 -20.86 30.91
C ASN B 138 21.30 -21.89 29.90
N GLY B 139 22.59 -21.80 29.59
CA GLY B 139 23.20 -22.65 28.58
C GLY B 139 23.28 -24.12 28.95
N GLN B 140 22.97 -24.46 30.20
CA GLN B 140 23.00 -25.85 30.65
C GLN B 140 21.60 -26.42 30.88
N GLY B 141 20.57 -25.64 30.57
CA GLY B 141 19.20 -26.07 30.74
C GLY B 141 18.58 -25.73 32.07
N THR B 142 19.37 -25.23 33.02
CA THR B 142 18.82 -24.90 34.33
C THR B 142 17.93 -23.66 34.23
N VAL B 143 16.78 -23.73 34.90
CA VAL B 143 15.86 -22.60 34.99
C VAL B 143 16.02 -21.95 36.35
N PHE B 144 16.05 -20.62 36.37
CA PHE B 144 16.18 -19.85 37.59
C PHE B 144 15.01 -18.88 37.70
N LEU B 145 14.59 -18.65 38.94
CA LEU B 145 13.55 -17.67 39.27
C LEU B 145 14.20 -16.61 40.15
N TYR B 146 14.46 -15.43 39.56
CA TYR B 146 15.00 -14.27 40.23
C TYR B 146 13.89 -13.31 40.63
N SER B 147 14.17 -12.47 41.61
CA SER B 147 13.27 -11.41 42.03
C SER B 147 14.03 -10.08 42.02
N ARG B 148 13.46 -9.07 41.36
CA ARG B 148 14.12 -7.77 41.30
C ARG B 148 14.48 -7.25 42.69
N SER B 149 13.66 -7.56 43.69
CA SER B 149 13.88 -7.01 45.02
C SER B 149 14.99 -7.74 45.76
N GLU B 150 15.05 -9.06 45.66
CA GLU B 150 15.98 -9.86 46.44
C GLU B 150 17.04 -10.56 45.60
N GLY B 151 16.66 -11.11 44.44
CA GLY B 151 17.59 -11.84 43.59
C GLY B 151 17.13 -13.27 43.38
N LEU B 152 18.12 -14.15 43.19
CA LEU B 152 17.83 -15.56 42.92
C LEU B 152 16.93 -16.14 44.00
N GLN B 153 15.72 -16.53 43.60
CA GLN B 153 14.74 -17.09 44.52
C GLN B 153 14.60 -18.60 44.42
N SER B 154 14.59 -19.13 43.19
CA SER B 154 14.38 -20.57 43.01
C SER B 154 15.31 -21.10 41.92
N THR B 155 15.71 -22.37 42.07
CA THR B 155 16.56 -23.06 41.10
C THR B 155 15.84 -24.33 40.65
N LEU B 156 15.11 -24.23 39.54
CA LEU B 156 14.40 -25.37 38.97
C LEU B 156 15.32 -26.04 37.97
N LYS B 157 15.78 -27.24 38.29
CA LYS B 157 16.74 -27.97 37.45
C LYS B 157 16.11 -29.28 36.99
N PHE B 158 15.67 -29.32 35.73
CA PHE B 158 15.14 -30.54 35.14
C PHE B 158 15.84 -30.90 33.83
N HIS B 159 16.17 -29.91 33.01
CA HIS B 159 16.86 -30.16 31.75
C HIS B 159 18.36 -30.27 31.99
N LYS B 160 19.01 -31.19 31.27
CA LYS B 160 20.46 -31.36 31.34
C LYS B 160 21.13 -30.95 30.04
N ASP B 161 20.56 -29.99 29.31
CA ASP B 161 21.17 -29.48 28.10
C ASP B 161 20.66 -28.06 27.86
N ASN B 162 21.40 -27.33 27.04
CA ASN B 162 21.03 -25.95 26.71
C ASN B 162 19.61 -25.90 26.16
N GLY B 163 18.79 -25.02 26.72
CA GLY B 163 17.41 -24.88 26.31
C GLY B 163 17.13 -23.46 25.85
N TYR B 164 16.24 -23.34 24.85
CA TYR B 164 15.84 -22.02 24.33
C TYR B 164 14.39 -21.67 24.61
N ALA B 165 13.52 -22.64 24.86
CA ALA B 165 12.09 -22.36 25.01
C ALA B 165 11.77 -21.99 26.45
N LEU B 166 11.11 -20.86 26.65
CA LEU B 166 10.66 -20.45 27.97
C LEU B 166 9.49 -19.50 27.80
N SER B 167 8.33 -19.86 28.34
CA SER B 167 7.13 -19.06 28.14
C SER B 167 6.26 -19.06 29.39
N PHE B 168 5.81 -17.87 29.78
CA PHE B 168 4.85 -17.71 30.86
C PHE B 168 3.43 -17.64 30.32
N SER B 169 2.52 -18.33 31.00
CA SER B 169 1.11 -18.29 30.64
C SER B 169 0.50 -16.98 31.12
N THR B 170 -0.08 -16.21 30.20
CA THR B 170 -0.76 -14.97 30.55
C THR B 170 -2.13 -15.20 31.15
N LEU B 171 -2.50 -16.46 31.42
CA LEU B 171 -3.82 -16.78 31.94
C LEU B 171 -3.79 -17.48 33.29
N VAL B 172 -2.70 -18.17 33.63
CA VAL B 172 -2.57 -18.89 34.90
C VAL B 172 -1.31 -18.35 35.57
N LYS B 173 -1.50 -17.53 36.61
CA LYS B 173 -0.36 -16.95 37.31
C LYS B 173 0.60 -18.05 37.76
N GLY B 174 1.82 -17.99 37.24
CA GLY B 174 2.86 -18.93 37.65
C GLY B 174 2.85 -20.25 36.92
N ARG B 175 2.34 -20.28 35.68
CA ARG B 175 2.40 -21.46 34.83
C ARG B 175 3.47 -21.25 33.78
N LEU B 176 4.54 -22.04 33.84
CA LEU B 176 5.74 -21.80 33.06
C LEU B 176 6.08 -23.04 32.25
N LEU B 177 6.40 -22.84 30.97
CA LEU B 177 6.81 -23.90 30.07
C LEU B 177 8.28 -23.70 29.70
N SER B 178 9.08 -24.76 29.82
CA SER B 178 10.49 -24.71 29.46
C SER B 178 10.81 -25.85 28.49
N GLY B 179 11.70 -25.57 27.55
CA GLY B 179 12.09 -26.51 26.51
C GLY B 179 13.55 -26.43 26.14
N SER B 180 14.20 -27.60 26.06
CA SER B 180 15.64 -27.73 25.96
C SER B 180 16.00 -28.58 24.74
N ASP B 181 17.31 -28.68 24.48
CA ASP B 181 17.83 -29.45 23.37
C ASP B 181 17.80 -30.95 23.61
N ASP B 182 17.45 -31.41 24.81
CA ASP B 182 17.40 -32.83 25.12
C ASP B 182 16.00 -33.43 24.92
N HIS B 183 15.21 -32.86 24.02
CA HIS B 183 13.90 -33.35 23.62
C HIS B 183 12.86 -33.21 24.73
N THR B 184 13.24 -32.73 25.90
CA THR B 184 12.37 -32.72 27.07
C THR B 184 11.70 -31.38 27.23
N VAL B 185 10.40 -31.40 27.49
CA VAL B 185 9.63 -30.20 27.82
C VAL B 185 9.15 -30.33 29.26
N ALA B 186 9.12 -29.22 29.99
CA ALA B 186 8.78 -29.21 31.39
C ALA B 186 7.74 -28.14 31.69
N LEU B 187 6.75 -28.48 32.51
CA LEU B 187 5.71 -27.56 32.95
C LEU B 187 5.82 -27.38 34.46
N TRP B 188 6.08 -26.15 34.88
CA TRP B 188 6.17 -25.77 36.28
C TRP B 188 5.01 -24.85 36.65
N GLU B 189 4.71 -24.79 37.93
CA GLU B 189 3.75 -23.84 38.49
C GLU B 189 4.41 -23.14 39.67
N VAL B 190 4.65 -21.84 39.53
CA VAL B 190 5.29 -21.04 40.57
C VAL B 190 4.29 -20.10 41.24
N GLY B 191 2.99 -20.27 40.99
CA GLY B 191 2.00 -19.45 41.66
C GLY B 191 1.85 -19.82 43.12
N SER B 192 1.65 -21.10 43.40
CA SER B 192 1.62 -21.58 44.77
C SER B 192 3.03 -21.64 45.35
N GLY B 193 3.12 -21.45 46.66
CA GLY B 193 4.41 -21.50 47.33
C GLY B 193 4.94 -22.89 47.61
N GLY B 194 4.19 -23.93 47.23
CA GLY B 194 4.58 -25.29 47.53
C GLY B 194 5.38 -25.98 46.43
N ASP B 195 6.59 -26.39 46.76
CA ASP B 195 7.45 -27.16 45.86
C ASP B 195 7.56 -26.52 44.48
N PRO B 196 7.96 -25.25 44.39
CA PRO B 196 8.20 -24.66 43.07
C PRO B 196 9.39 -25.30 42.35
N THR B 197 10.32 -25.92 43.09
CA THR B 197 11.50 -26.51 42.48
C THR B 197 11.18 -27.74 41.64
N LYS B 198 10.06 -28.42 41.92
CA LYS B 198 9.85 -29.59 41.09
C LYS B 198 8.88 -29.28 39.95
N PRO B 199 9.09 -29.88 38.78
CA PRO B 199 8.16 -29.67 37.66
C PRO B 199 6.85 -30.40 37.88
N VAL B 200 5.75 -29.70 37.61
CA VAL B 200 4.43 -30.32 37.72
C VAL B 200 4.21 -31.36 36.62
N ARG B 201 4.89 -31.24 35.48
CA ARG B 201 4.74 -32.26 34.45
C ARG B 201 5.95 -32.24 33.53
N THR B 202 6.21 -33.37 32.88
CA THR B 202 7.35 -33.49 31.97
C THR B 202 6.97 -34.32 30.76
N TRP B 203 7.65 -34.05 29.65
CA TRP B 203 7.49 -34.83 28.41
C TRP B 203 8.89 -35.05 27.84
N ASN B 204 9.43 -36.23 28.08
CA ASN B 204 10.68 -36.63 27.42
C ASN B 204 10.42 -37.21 26.04
N ASP B 205 9.17 -37.19 25.57
CA ASP B 205 8.77 -37.92 24.38
C ASP B 205 7.80 -37.14 23.50
N LEU B 206 7.78 -35.81 23.60
CA LEU B 206 6.90 -35.02 22.76
C LEU B 206 7.49 -34.80 21.38
N HIS B 207 8.82 -34.71 21.27
CA HIS B 207 9.51 -34.59 19.99
C HIS B 207 10.71 -35.51 20.00
N SER B 208 11.22 -35.82 18.81
CA SER B 208 12.39 -36.65 18.67
C SER B 208 13.69 -35.85 18.68
N ASP B 209 13.63 -34.54 18.86
CA ASP B 209 14.81 -33.71 18.72
C ASP B 209 14.61 -32.41 19.49
N ILE B 210 15.46 -31.42 19.20
CA ILE B 210 15.48 -30.16 19.94
C ILE B 210 14.11 -29.52 19.94
N ILE B 211 13.74 -28.96 21.10
CA ILE B 211 12.57 -28.11 21.21
C ILE B 211 13.03 -26.68 20.91
N ASN B 212 12.70 -26.19 19.71
CA ASN B 212 13.23 -24.87 19.35
C ASN B 212 12.50 -23.75 20.06
N ASP B 213 11.24 -23.96 20.44
CA ASP B 213 10.46 -22.96 21.15
C ASP B 213 9.10 -23.56 21.46
N ASN B 214 8.52 -23.12 22.58
CA ASN B 214 7.15 -23.44 22.93
C ASN B 214 6.51 -22.18 23.48
N LYS B 215 5.22 -22.02 23.18
CA LYS B 215 4.46 -20.82 23.52
C LYS B 215 3.08 -21.20 24.03
N TRP B 216 2.57 -20.41 24.96
CA TRP B 216 1.22 -20.60 25.47
C TRP B 216 0.21 -19.91 24.56
N HIS B 217 -0.99 -20.49 24.48
CA HIS B 217 -2.09 -19.81 23.80
C HIS B 217 -2.50 -18.58 24.60
N ASN B 218 -3.06 -17.60 23.89
CA ASN B 218 -3.42 -16.34 24.55
C ASN B 218 -4.86 -16.28 25.01
N PHE B 219 -5.67 -17.30 24.74
CA PHE B 219 -7.07 -17.33 25.13
C PHE B 219 -7.54 -18.66 25.71
N ASN B 220 -6.88 -19.76 25.39
CA ASN B 220 -7.20 -21.08 25.93
C ASN B 220 -6.09 -21.45 26.92
N LYS B 221 -6.39 -21.34 28.21
CA LYS B 221 -5.38 -21.45 29.26
C LYS B 221 -4.74 -22.83 29.33
N ASP B 222 -5.17 -23.77 28.50
CA ASP B 222 -4.66 -25.13 28.55
C ASP B 222 -3.99 -25.58 27.26
N LEU B 223 -3.91 -24.73 26.25
CA LEU B 223 -3.28 -25.08 24.99
C LEU B 223 -1.90 -24.46 24.88
N PHE B 224 -0.97 -25.18 24.26
CA PHE B 224 0.35 -24.63 23.99
C PHE B 224 0.93 -25.30 22.76
N GLY B 225 1.75 -24.56 22.02
CA GLY B 225 2.34 -25.05 20.79
C GLY B 225 3.84 -25.18 20.91
N THR B 226 4.40 -26.21 20.27
CA THR B 226 5.83 -26.43 20.24
C THR B 226 6.28 -26.71 18.81
N VAL B 227 7.53 -26.37 18.52
CA VAL B 227 8.16 -26.62 17.23
C VAL B 227 9.47 -27.34 17.48
N SER B 228 9.77 -28.34 16.67
CA SER B 228 10.96 -29.13 16.89
C SER B 228 11.81 -29.20 15.63
N GLU B 229 13.08 -29.55 15.82
CA GLU B 229 13.98 -29.84 14.72
C GLU B 229 13.60 -31.11 13.97
N ASP B 230 12.69 -31.91 14.53
CA ASP B 230 12.13 -33.05 13.80
C ASP B 230 11.16 -32.60 12.71
N SER B 231 11.15 -31.29 12.46
CA SER B 231 10.28 -30.69 11.45
C SER B 231 8.81 -30.98 11.75
N LEU B 232 8.46 -30.97 13.02
CA LEU B 232 7.08 -31.13 13.46
C LEU B 232 6.67 -29.95 14.32
N LEU B 233 5.44 -29.47 14.07
CA LEU B 233 4.80 -28.45 14.90
C LEU B 233 3.59 -29.06 15.55
N LYS B 234 3.52 -29.00 16.87
CA LYS B 234 2.50 -29.70 17.64
C LYS B 234 1.70 -28.72 18.46
N ILE B 235 0.39 -28.71 18.28
CA ILE B 235 -0.54 -28.06 19.21
C ILE B 235 -0.97 -29.10 20.23
N ASN B 236 -0.68 -28.82 21.50
CA ASN B 236 -0.80 -29.76 22.60
C ASN B 236 -1.71 -29.20 23.68
N ASP B 237 -2.44 -30.10 24.34
CA ASP B 237 -3.34 -29.75 25.43
C ASP B 237 -2.84 -30.38 26.72
N VAL B 238 -3.02 -29.66 27.83
CA VAL B 238 -2.50 -30.11 29.12
C VAL B 238 -3.52 -30.96 29.87
N ARG B 239 -4.78 -30.52 29.91
CA ARG B 239 -5.82 -31.30 30.57
C ARG B 239 -5.94 -32.68 29.96
N ALA B 240 -5.97 -32.75 28.64
CA ALA B 240 -6.22 -34.02 27.95
C ALA B 240 -5.04 -34.98 28.13
N ASN B 241 -5.36 -36.27 28.10
CA ASN B 241 -4.34 -37.31 28.20
C ASN B 241 -3.56 -37.48 26.90
N ASN B 242 -4.22 -37.25 25.75
CA ASN B 242 -3.48 -37.22 24.49
C ASN B 242 -2.30 -36.26 24.58
N THR B 243 -2.53 -35.05 25.09
CA THR B 243 -1.48 -34.06 25.26
C THR B 243 -1.05 -33.50 23.90
N THR B 244 -1.54 -34.11 22.83
CA THR B 244 -1.31 -33.62 21.49
C THR B 244 -2.63 -33.67 20.72
N ILE B 245 -3.09 -32.51 20.24
CA ILE B 245 -4.35 -32.41 19.52
C ILE B 245 -4.18 -31.86 18.11
N ASP B 246 -2.95 -31.56 17.68
CA ASP B 246 -2.74 -31.32 16.25
C ASP B 246 -1.26 -31.43 15.93
N THR B 247 -0.96 -32.00 14.76
CA THR B 247 0.42 -32.13 14.28
C THR B 247 0.51 -31.59 12.86
N VAL B 248 1.66 -30.99 12.54
CA VAL B 248 1.88 -30.41 11.22
C VAL B 248 3.31 -30.70 10.79
N LYS B 249 3.46 -31.32 9.62
CA LYS B 249 4.78 -31.50 9.02
C LYS B 249 5.26 -30.17 8.47
N CYS B 250 6.42 -29.75 8.89
CA CYS B 250 6.91 -28.47 8.40
C CYS B 250 7.71 -28.67 7.13
N PRO B 251 7.67 -27.70 6.20
CA PRO B 251 8.54 -27.77 5.02
C PRO B 251 9.98 -28.02 5.42
N GLN B 252 10.50 -27.15 6.29
CA GLN B 252 11.76 -27.36 6.98
C GLN B 252 11.55 -27.09 8.47
N PRO B 253 12.55 -27.32 9.31
CA PRO B 253 12.36 -27.11 10.75
C PRO B 253 11.93 -25.69 11.06
N PHE B 254 11.07 -25.55 12.06
CA PHE B 254 10.61 -24.27 12.56
C PHE B 254 11.45 -23.87 13.77
N ASN B 255 11.88 -22.62 13.81
CA ASN B 255 12.67 -22.11 14.92
C ASN B 255 11.85 -21.31 15.92
N THR B 256 10.67 -20.81 15.53
CA THR B 256 9.87 -20.02 16.45
C THR B 256 8.41 -20.03 16.00
N LEU B 257 7.52 -19.72 16.93
CA LEU B 257 6.10 -19.61 16.64
C LEU B 257 5.49 -18.60 17.60
N ALA B 258 4.27 -18.16 17.26
CA ALA B 258 3.59 -17.17 18.07
C ALA B 258 2.10 -17.17 17.76
N PHE B 259 1.28 -17.13 18.81
CA PHE B 259 -0.16 -17.01 18.67
C PHE B 259 -0.56 -15.55 18.65
N SER B 260 -1.66 -15.25 17.97
CA SER B 260 -2.14 -13.88 17.88
C SER B 260 -2.70 -13.42 19.22
N HIS B 261 -2.65 -12.11 19.44
CA HIS B 261 -3.22 -11.50 20.64
C HIS B 261 -4.65 -11.02 20.44
N HIS B 262 -5.24 -11.26 19.28
CA HIS B 262 -6.61 -10.86 18.98
C HIS B 262 -7.48 -12.01 18.53
N SER B 263 -6.94 -12.96 17.77
CA SER B 263 -7.71 -14.09 17.25
C SER B 263 -7.29 -15.36 17.97
N SER B 264 -8.27 -16.14 18.42
CA SER B 264 -8.00 -17.38 19.12
C SER B 264 -7.62 -18.53 18.20
N ASN B 265 -7.82 -18.38 16.89
CA ASN B 265 -7.62 -19.47 15.94
C ASN B 265 -6.39 -19.29 15.06
N LEU B 266 -5.64 -18.21 15.21
CA LEU B 266 -4.58 -17.86 14.27
C LEU B 266 -3.22 -17.96 14.96
N LEU B 267 -2.29 -18.64 14.30
CA LEU B 267 -0.90 -18.68 14.77
C LEU B 267 0.04 -18.49 13.59
N ALA B 268 1.28 -18.17 13.89
CA ALA B 268 2.32 -18.00 12.89
C ALA B 268 3.56 -18.78 13.32
N ALA B 269 4.35 -19.21 12.34
CA ALA B 269 5.54 -20.01 12.61
C ALA B 269 6.61 -19.68 11.58
N ALA B 270 7.87 -19.86 11.98
CA ALA B 270 8.99 -19.59 11.11
C ALA B 270 10.14 -20.53 11.46
N GLY B 271 10.92 -20.89 10.44
CA GLY B 271 12.01 -21.82 10.61
C GLY B 271 13.20 -21.57 9.70
N MET B 272 13.70 -22.66 9.09
CA MET B 272 14.92 -22.57 8.30
C MET B 272 14.68 -22.12 6.86
N ASP B 273 13.46 -22.24 6.35
CA ASP B 273 13.21 -21.91 4.96
C ASP B 273 12.82 -20.44 4.75
N SER B 274 13.06 -19.57 5.74
CA SER B 274 12.88 -18.10 5.69
C SER B 274 11.46 -17.63 5.38
N TYR B 275 10.50 -18.52 5.19
CA TYR B 275 9.11 -18.12 4.97
C TYR B 275 8.37 -18.15 6.29
N VAL B 276 7.51 -17.16 6.51
CA VAL B 276 6.70 -17.08 7.73
C VAL B 276 5.33 -17.65 7.39
N TYR B 277 5.03 -18.83 7.92
CA TYR B 277 3.77 -19.51 7.67
C TYR B 277 2.70 -19.05 8.67
N LEU B 278 1.46 -19.05 8.22
CA LEU B 278 0.31 -18.73 9.04
C LEU B 278 -0.65 -19.90 9.03
N TYR B 279 -1.24 -20.19 10.19
CA TYR B 279 -2.09 -21.37 10.35
C TYR B 279 -3.36 -21.00 11.09
N ASP B 280 -4.47 -21.59 10.65
CA ASP B 280 -5.71 -21.60 11.41
C ASP B 280 -5.72 -22.84 12.28
N LEU B 281 -6.08 -22.66 13.56
CA LEU B 281 -6.08 -23.79 14.48
C LEU B 281 -7.22 -24.77 14.21
N ARG B 282 -8.29 -24.32 13.55
CA ARG B 282 -9.43 -25.19 13.29
C ARG B 282 -9.17 -26.16 12.15
N ASN B 283 -8.27 -25.81 11.23
CA ASN B 283 -7.88 -26.69 10.12
C ASN B 283 -6.36 -26.55 9.95
N MET B 284 -5.61 -27.41 10.64
CA MET B 284 -4.16 -27.37 10.64
C MET B 284 -3.52 -28.15 9.50
N LYS B 285 -4.32 -28.75 8.62
CA LYS B 285 -3.77 -29.55 7.53
C LYS B 285 -3.03 -28.72 6.50
N GLU B 286 -3.18 -27.40 6.51
CA GLU B 286 -2.74 -26.57 5.41
C GLU B 286 -2.47 -25.14 5.86
N PRO B 287 -1.29 -24.59 5.56
CA PRO B 287 -1.03 -23.19 5.93
C PRO B 287 -1.99 -22.26 5.19
N LEU B 288 -2.59 -21.33 5.94
CA LEU B 288 -3.40 -20.30 5.33
C LEU B 288 -2.63 -19.58 4.22
N HIS B 289 -1.38 -19.25 4.50
CA HIS B 289 -0.57 -18.41 3.63
C HIS B 289 0.80 -18.28 4.25
N HIS B 290 1.81 -18.19 3.40
CA HIS B 290 3.19 -18.03 3.82
C HIS B 290 3.76 -16.78 3.18
N MET B 291 4.40 -15.94 3.99
CA MET B 291 4.98 -14.67 3.58
C MET B 291 6.47 -14.83 3.37
N SER B 292 6.96 -14.31 2.25
CA SER B 292 8.37 -14.38 1.88
C SER B 292 9.01 -13.00 1.98
N GLY B 293 10.34 -13.00 2.07
CA GLY B 293 11.08 -11.75 2.20
C GLY B 293 12.33 -11.85 3.05
N HIS B 294 12.47 -12.92 3.82
CA HIS B 294 13.69 -13.18 4.56
C HIS B 294 14.66 -13.99 3.70
N GLU B 295 15.94 -13.63 3.75
CA GLU B 295 16.97 -14.27 2.95
C GLU B 295 17.75 -15.32 3.73
N ASP B 296 17.29 -15.69 4.92
CA ASP B 296 17.91 -16.75 5.71
C ASP B 296 16.93 -17.12 6.81
N ALA B 297 17.30 -18.14 7.60
CA ALA B 297 16.42 -18.66 8.63
C ALA B 297 15.93 -17.54 9.55
N VAL B 298 14.75 -17.74 10.11
CA VAL B 298 14.13 -16.80 11.04
C VAL B 298 14.13 -17.43 12.42
N ASN B 299 14.56 -16.66 13.42
CA ASN B 299 14.75 -17.17 14.77
C ASN B 299 13.76 -16.64 15.79
N ASN B 300 13.16 -15.47 15.57
CA ASN B 300 12.21 -14.90 16.50
C ASN B 300 11.00 -14.36 15.75
N LEU B 301 9.84 -14.45 16.38
CA LEU B 301 8.57 -14.11 15.76
C LEU B 301 7.57 -13.76 16.85
N GLU B 302 6.83 -12.67 16.66
CA GLU B 302 5.90 -12.22 17.69
C GLU B 302 4.79 -11.40 17.06
N PHE B 303 3.56 -11.66 17.51
CA PHE B 303 2.40 -10.86 17.13
C PHE B 303 2.34 -9.59 17.97
N SER B 304 1.75 -8.55 17.39
CA SER B 304 1.59 -7.28 18.09
C SER B 304 0.42 -7.35 19.06
N THR B 305 0.56 -6.68 20.19
CA THR B 305 -0.51 -6.60 21.18
C THR B 305 -1.41 -5.39 20.99
N HIS B 306 -1.08 -4.50 20.06
CA HIS B 306 -1.86 -3.29 19.81
C HIS B 306 -2.68 -3.37 18.52
N VAL B 307 -2.06 -3.73 17.41
CA VAL B 307 -2.69 -3.70 16.11
C VAL B 307 -2.98 -5.15 15.69
N ASP B 308 -4.27 -5.49 15.60
CA ASP B 308 -4.65 -6.81 15.11
C ASP B 308 -4.14 -7.02 13.69
N GLY B 309 -3.23 -7.98 13.53
CA GLY B 309 -2.74 -8.37 12.22
C GLY B 309 -1.29 -8.04 11.94
N VAL B 310 -0.59 -7.39 12.86
CA VAL B 310 0.81 -7.04 12.66
C VAL B 310 1.68 -8.15 13.25
N VAL B 311 2.64 -8.63 12.47
CA VAL B 311 3.57 -9.66 12.91
C VAL B 311 4.99 -9.16 12.65
N VAL B 312 5.90 -9.49 13.56
CA VAL B 312 7.29 -9.08 13.46
C VAL B 312 8.17 -10.31 13.46
N SER B 313 9.21 -10.31 12.62
CA SER B 313 10.13 -11.42 12.52
C SER B 313 11.56 -10.92 12.44
N SER B 314 12.49 -11.74 12.94
CA SER B 314 13.91 -11.46 12.87
C SER B 314 14.63 -12.76 12.53
N GLY B 315 15.75 -12.63 11.83
CA GLY B 315 16.47 -13.82 11.40
C GLY B 315 17.98 -13.67 11.38
N SER B 316 18.64 -14.63 10.72
CA SER B 316 20.09 -14.62 10.59
C SER B 316 20.58 -13.68 9.49
N ASP B 317 19.66 -13.14 8.68
CA ASP B 317 20.01 -12.17 7.65
C ASP B 317 20.18 -10.76 8.20
N ASN B 318 20.26 -10.61 9.53
CA ASN B 318 20.47 -9.31 10.16
C ASN B 318 19.33 -8.34 9.86
N ARG B 319 18.15 -8.88 9.56
CA ARG B 319 17.00 -8.08 9.16
C ARG B 319 15.83 -8.32 10.11
N LEU B 320 15.13 -7.24 10.44
CA LEU B 320 13.83 -7.33 11.10
C LEU B 320 12.75 -6.92 10.09
N MET B 321 11.59 -7.55 10.17
CA MET B 321 10.54 -7.28 9.19
C MET B 321 9.18 -7.28 9.87
N MET B 322 8.38 -6.25 9.58
CA MET B 322 7.01 -6.13 10.09
C MET B 322 6.04 -6.31 8.93
N TRP B 323 5.13 -7.26 9.07
CA TRP B 323 4.09 -7.59 8.11
C TRP B 323 2.73 -7.18 8.64
N ASP B 324 1.85 -6.76 7.72
CA ASP B 324 0.46 -6.47 8.01
C ASP B 324 -0.39 -7.55 7.34
N LEU B 325 -0.96 -8.44 8.16
CA LEU B 325 -1.73 -9.56 7.62
C LEU B 325 -2.90 -9.09 6.77
N LYS B 326 -3.53 -7.98 7.14
CA LYS B 326 -4.69 -7.50 6.39
C LYS B 326 -4.33 -7.06 4.97
N GLN B 327 -3.05 -7.03 4.63
CA GLN B 327 -2.59 -6.66 3.29
C GLN B 327 -2.17 -7.87 2.47
N ILE B 328 -2.40 -9.09 2.96
CA ILE B 328 -1.99 -10.28 2.23
C ILE B 328 -2.71 -10.31 0.88
N GLY B 329 -1.92 -10.46 -0.19
CA GLY B 329 -2.47 -10.53 -1.53
C GLY B 329 -3.35 -9.35 -1.88
N ALA B 330 -2.86 -8.14 -1.63
CA ALA B 330 -3.58 -6.93 -1.97
C ALA B 330 -3.12 -6.43 -3.35
N GLU B 331 -3.95 -5.57 -3.94
CA GLU B 331 -3.56 -4.95 -5.20
C GLU B 331 -2.44 -3.95 -4.96
N GLN B 332 -1.58 -3.79 -5.97
CA GLN B 332 -0.34 -3.06 -5.80
C GLN B 332 -0.02 -2.29 -7.08
N THR B 333 0.11 -0.98 -6.96
CA THR B 333 0.56 -0.18 -8.09
C THR B 333 1.96 -0.62 -8.48
N PRO B 334 2.25 -0.81 -9.77
CA PRO B 334 3.51 -1.48 -10.17
C PRO B 334 4.76 -0.79 -9.67
N ASP B 335 4.70 0.49 -9.29
CA ASP B 335 5.91 1.17 -8.80
C ASP B 335 6.43 0.48 -7.55
N ASP B 336 5.54 0.24 -6.58
CA ASP B 336 5.89 -0.44 -5.34
C ASP B 336 5.83 -1.96 -5.47
N ALA B 337 5.49 -2.50 -6.64
CA ALA B 337 5.40 -3.94 -6.81
C ALA B 337 6.78 -4.59 -6.68
N GLU B 338 7.78 -4.01 -7.34
CA GLU B 338 9.14 -4.53 -7.21
C GLU B 338 9.63 -4.50 -5.76
N ASP B 339 9.06 -3.60 -4.95
CA ASP B 339 9.58 -3.39 -3.60
C ASP B 339 9.39 -4.62 -2.71
N GLY B 340 8.37 -5.41 -2.96
CA GLY B 340 8.13 -6.60 -2.16
C GLY B 340 6.66 -6.90 -2.04
N VAL B 341 6.36 -8.08 -1.51
CA VAL B 341 4.98 -8.52 -1.30
C VAL B 341 4.20 -7.43 -0.58
N PRO B 342 2.91 -7.26 -0.86
CA PRO B 342 2.18 -6.13 -0.27
C PRO B 342 2.04 -6.19 1.24
N GLU B 343 2.25 -7.36 1.86
CA GLU B 343 2.03 -7.53 3.28
C GLU B 343 3.25 -7.17 4.12
N LEU B 344 4.30 -6.61 3.51
CA LEU B 344 5.53 -6.26 4.22
C LEU B 344 5.47 -4.79 4.60
N ILE B 345 4.96 -4.52 5.82
CA ILE B 345 4.85 -3.15 6.29
C ILE B 345 6.20 -2.44 6.22
N MET B 346 7.24 -3.06 6.76
CA MET B 346 8.52 -2.37 6.79
C MET B 346 9.65 -3.33 7.11
N VAL B 347 10.87 -2.86 6.87
CA VAL B 347 12.09 -3.63 7.11
C VAL B 347 13.07 -2.76 7.88
N HIS B 348 13.83 -3.38 8.78
CA HIS B 348 14.83 -2.71 9.60
C HIS B 348 16.16 -3.44 9.40
N ALA B 349 17.14 -2.73 8.84
CA ALA B 349 18.44 -3.30 8.53
C ALA B 349 19.57 -2.55 9.23
N GLY B 350 19.27 -1.97 10.40
CA GLY B 350 20.28 -1.28 11.17
C GLY B 350 21.27 -2.18 11.86
N HIS B 351 20.92 -3.47 12.01
CA HIS B 351 21.84 -4.42 12.61
C HIS B 351 22.87 -4.90 11.60
N ARG B 352 24.07 -5.20 12.09
CA ARG B 352 25.17 -5.65 11.25
C ARG B 352 25.50 -7.13 11.46
N SER B 353 24.63 -7.87 12.15
CA SER B 353 24.85 -9.29 12.38
C SER B 353 23.53 -9.90 12.85
N SER B 354 23.51 -11.23 12.93
CA SER B 354 22.30 -11.95 13.28
C SER B 354 21.66 -11.39 14.53
N VAL B 355 20.34 -11.28 14.52
CA VAL B 355 19.59 -10.72 15.64
C VAL B 355 19.31 -11.84 16.63
N ASN B 356 19.76 -11.66 17.87
CA ASN B 356 19.54 -12.68 18.89
C ASN B 356 18.11 -12.66 19.40
N ASP B 357 17.58 -11.47 19.71
CA ASP B 357 16.21 -11.36 20.17
C ASP B 357 15.73 -9.93 20.02
N PHE B 358 14.44 -9.75 20.19
CA PHE B 358 13.81 -8.44 20.12
C PHE B 358 12.49 -8.51 20.88
N ASP B 359 11.93 -7.34 21.17
CA ASP B 359 10.65 -7.27 21.87
C ASP B 359 9.93 -5.98 21.50
N LEU B 360 8.61 -6.08 21.40
CA LEU B 360 7.74 -4.93 21.19
C LEU B 360 7.27 -4.41 22.55
N ASN B 361 7.28 -3.09 22.70
CA ASN B 361 6.88 -2.48 23.96
C ASN B 361 5.38 -2.64 24.16
N PRO B 362 4.92 -3.27 25.25
CA PRO B 362 3.48 -3.47 25.44
C PRO B 362 2.73 -2.20 25.80
N GLN B 363 3.42 -1.12 26.17
CA GLN B 363 2.78 0.16 26.44
C GLN B 363 2.92 1.15 25.30
N ILE B 364 4.04 1.12 24.58
CA ILE B 364 4.31 2.06 23.51
C ILE B 364 4.24 1.33 22.18
N PRO B 365 3.15 1.47 21.41
CA PRO B 365 3.03 0.71 20.16
C PRO B 365 4.12 1.10 19.17
N TRP B 366 4.63 0.09 18.47
CA TRP B 366 5.64 0.22 17.42
C TRP B 366 7.02 0.57 17.96
N LEU B 367 7.17 0.74 19.27
CA LEU B 367 8.49 0.90 19.88
C LEU B 367 9.11 -0.48 20.06
N VAL B 368 10.28 -0.69 19.47
CA VAL B 368 10.91 -2.02 19.41
C VAL B 368 12.30 -1.92 20.02
N ALA B 369 12.69 -2.98 20.72
CA ALA B 369 14.06 -3.15 21.18
C ALA B 369 14.63 -4.42 20.55
N SER B 370 15.89 -4.37 20.14
CA SER B 370 16.50 -5.51 19.46
C SER B 370 17.97 -5.60 19.87
N ALA B 371 18.49 -6.83 19.88
CA ALA B 371 19.88 -7.08 20.24
C ALA B 371 20.54 -7.91 19.16
N GLU B 372 21.73 -7.50 18.73
CA GLU B 372 22.47 -8.21 17.69
C GLU B 372 23.65 -8.96 18.29
N GLU B 373 24.20 -9.87 17.50
CA GLU B 373 25.33 -10.67 17.96
C GLU B 373 26.55 -9.81 18.27
N GLU B 374 26.70 -8.70 17.57
CA GLU B 374 27.89 -7.85 17.72
C GLU B 374 27.69 -6.77 18.78
N ASN B 375 27.22 -7.21 19.94
CA ASN B 375 27.15 -6.38 21.15
C ASN B 375 26.53 -5.01 20.87
N ILE B 376 25.37 -5.02 20.23
CA ILE B 376 24.63 -3.79 19.96
C ILE B 376 23.18 -3.99 20.37
N LEU B 377 22.64 -3.02 21.10
CA LEU B 377 21.23 -2.99 21.49
C LEU B 377 20.60 -1.73 20.92
N GLN B 378 19.67 -1.90 19.98
CA GLN B 378 18.99 -0.78 19.33
C GLN B 378 17.57 -0.65 19.86
N VAL B 379 17.13 0.60 20.04
CA VAL B 379 15.76 0.91 20.41
C VAL B 379 15.23 1.89 19.37
N TRP B 380 14.20 1.48 18.64
CA TRP B 380 13.75 2.24 17.48
C TRP B 380 12.23 2.18 17.34
N LYS B 381 11.69 3.21 16.71
CA LYS B 381 10.28 3.27 16.33
C LYS B 381 10.20 3.75 14.90
N CYS B 382 9.44 3.03 14.06
CA CYS B 382 9.37 3.38 12.66
C CYS B 382 8.47 4.60 12.44
N SER B 383 8.57 5.17 11.24
CA SER B 383 7.95 6.45 10.94
C SER B 383 6.61 6.32 10.23
N HIS B 384 6.17 5.10 9.90
CA HIS B 384 4.97 4.95 9.09
C HIS B 384 3.77 5.66 9.73
N SER B 385 3.44 5.30 10.97
CA SER B 385 2.33 5.76 11.79
C SER B 385 0.97 5.30 11.24
N LEU B 386 0.92 4.61 10.10
CA LEU B 386 -0.32 4.07 9.56
C LEU B 386 -0.40 2.58 9.85
N PRO B 387 -1.37 2.12 10.65
CA PRO B 387 -1.50 0.71 11.07
C PRO B 387 -1.39 -0.29 9.93
N MET C 1 6.03 48.53 -4.29
CA MET C 1 5.98 48.05 -5.66
C MET C 1 4.67 48.42 -6.34
N SER C 2 3.56 47.87 -5.84
CA SER C 2 2.26 48.14 -6.43
C SER C 2 1.94 49.63 -6.40
N VAL C 3 1.42 50.14 -7.51
CA VAL C 3 1.03 51.54 -7.61
C VAL C 3 -0.41 51.75 -7.16
N VAL C 4 -1.30 50.82 -7.51
CA VAL C 4 -2.68 50.85 -7.07
C VAL C 4 -2.91 49.70 -6.09
N SER C 5 -3.73 49.95 -5.07
CA SER C 5 -3.95 48.97 -4.02
C SER C 5 -5.39 49.09 -3.52
N LEU C 6 -5.98 47.95 -3.18
CA LEU C 6 -7.31 47.93 -2.60
C LEU C 6 -7.20 48.20 -1.10
N LEU C 7 -7.73 49.34 -0.67
CA LEU C 7 -7.80 49.63 0.76
C LEU C 7 -8.94 48.88 1.43
N GLY C 8 -10.07 48.77 0.75
CA GLY C 8 -11.19 48.03 1.28
C GLY C 8 -12.38 47.91 0.35
N VAL C 9 -13.18 46.87 0.55
CA VAL C 9 -14.45 46.71 -0.14
C VAL C 9 -15.56 46.77 0.89
N LYS C 10 -16.74 47.22 0.46
CA LYS C 10 -17.88 47.32 1.36
C LYS C 10 -19.15 47.08 0.55
N ILE C 11 -19.85 45.99 0.85
CA ILE C 11 -21.14 45.75 0.22
C ILE C 11 -22.18 46.67 0.85
N VAL C 12 -23.12 47.14 0.04
CA VAL C 12 -24.12 48.11 0.49
C VAL C 12 -25.43 47.42 0.85
N ASN C 13 -25.98 46.61 -0.06
CA ASN C 13 -27.23 45.91 0.15
C ASN C 13 -26.91 44.46 0.50
N ASN C 14 -26.82 44.18 1.79
CA ASN C 14 -26.47 42.83 2.24
C ASN C 14 -26.96 42.59 3.66
N PRO C 15 -27.75 41.53 3.91
CA PRO C 15 -28.26 40.65 2.85
C PRO C 15 -29.26 41.37 1.95
N ALA C 16 -29.58 40.78 0.80
CA ALA C 16 -30.45 41.43 -0.17
C ALA C 16 -31.21 40.35 -0.93
N PRO C 17 -32.27 40.73 -1.63
CA PRO C 17 -32.99 39.75 -2.45
C PRO C 17 -32.10 39.19 -3.54
N PHE C 18 -32.31 37.91 -3.86
CA PHE C 18 -31.41 37.20 -4.79
C PHE C 18 -31.25 37.95 -6.10
N LEU C 19 -32.23 38.76 -6.50
CA LEU C 19 -32.19 39.45 -7.78
C LEU C 19 -31.65 40.87 -7.69
N ALA C 20 -31.67 41.49 -6.52
CA ALA C 20 -31.17 42.85 -6.39
C ALA C 20 -29.74 42.93 -6.92
N PRO C 21 -29.38 44.01 -7.61
CA PRO C 21 -28.04 44.10 -8.18
C PRO C 21 -26.96 44.21 -7.11
N TYR C 22 -25.76 43.78 -7.48
CA TYR C 22 -24.60 43.88 -6.61
C TYR C 22 -24.06 45.30 -6.63
N GLN C 23 -23.76 45.83 -5.44
CA GLN C 23 -23.20 47.17 -5.28
C GLN C 23 -22.03 47.08 -4.31
N PHE C 24 -20.85 47.50 -4.76
CA PHE C 24 -19.64 47.49 -3.95
C PHE C 24 -19.06 48.90 -3.89
N GLU C 25 -18.88 49.42 -2.68
CA GLU C 25 -18.05 50.60 -2.45
C GLU C 25 -16.61 50.13 -2.31
N ILE C 26 -15.77 50.48 -3.28
CA ILE C 26 -14.37 50.04 -3.30
C ILE C 26 -13.51 51.26 -3.06
N THR C 27 -12.79 51.27 -1.93
CA THR C 27 -11.84 52.31 -1.61
C THR C 27 -10.45 51.79 -1.92
N PHE C 28 -9.71 52.51 -2.77
CA PHE C 28 -8.38 52.08 -3.16
C PHE C 28 -7.46 53.29 -3.18
N GLU C 29 -6.18 53.05 -3.48
CA GLU C 29 -5.16 54.09 -3.48
C GLU C 29 -4.36 54.05 -4.76
N CYS C 30 -3.87 55.22 -5.17
CA CYS C 30 -2.97 55.36 -6.31
C CYS C 30 -1.82 56.26 -5.91
N LEU C 31 -0.60 55.78 -6.05
CA LEU C 31 0.56 56.49 -5.55
C LEU C 31 1.22 57.41 -6.58
N GLU C 32 0.90 57.24 -7.85
CA GLU C 32 1.50 58.06 -8.89
C GLU C 32 0.69 57.93 -10.17
N GLN C 33 0.93 58.86 -11.09
CA GLN C 33 0.14 58.92 -12.32
C GLN C 33 0.25 57.62 -13.11
N LEU C 34 -0.90 57.09 -13.51
CA LEU C 34 -1.00 55.96 -14.43
C LEU C 34 -1.77 56.40 -15.66
N GLN C 35 -1.47 55.76 -16.79
CA GLN C 35 -2.09 56.10 -18.06
C GLN C 35 -3.27 55.21 -18.41
N LYS C 36 -3.17 53.91 -18.15
CA LYS C 36 -4.23 52.99 -18.52
C LYS C 36 -5.39 53.06 -17.53
N ASP C 37 -6.45 52.32 -17.84
CA ASP C 37 -7.65 52.31 -17.02
C ASP C 37 -7.68 51.07 -16.14
N LEU C 38 -8.22 51.23 -14.93
CA LEU C 38 -8.55 50.09 -14.10
C LEU C 38 -9.79 49.39 -14.66
N GLU C 39 -9.81 48.06 -14.52
CA GLU C 39 -10.90 47.24 -15.01
C GLU C 39 -11.42 46.40 -13.85
N TRP C 40 -12.71 46.54 -13.55
CA TRP C 40 -13.38 45.82 -12.49
C TRP C 40 -14.29 44.78 -13.13
N LYS C 41 -13.97 43.50 -12.91
CA LYS C 41 -14.80 42.39 -13.34
C LYS C 41 -15.40 41.72 -12.11
N LEU C 42 -16.59 41.14 -12.29
CA LEU C 42 -17.29 40.46 -11.20
C LEU C 42 -17.85 39.16 -11.74
N THR C 43 -17.32 38.03 -11.28
CA THR C 43 -17.74 36.72 -11.73
C THR C 43 -18.53 36.02 -10.63
N TYR C 44 -19.54 35.25 -11.05
CA TYR C 44 -20.43 34.53 -10.14
C TYR C 44 -20.39 33.06 -10.48
N VAL C 45 -19.93 32.24 -9.54
CA VAL C 45 -19.83 30.80 -9.76
C VAL C 45 -21.24 30.21 -9.67
N GLY C 46 -21.81 29.86 -10.83
CA GLY C 46 -23.15 29.30 -10.87
C GLY C 46 -23.25 27.90 -10.33
N SER C 47 -22.14 27.17 -10.25
CA SER C 47 -22.18 25.80 -9.79
C SER C 47 -20.80 25.38 -9.33
N ALA C 48 -20.77 24.51 -8.32
CA ALA C 48 -19.49 24.01 -7.83
C ALA C 48 -19.03 22.78 -8.61
N THR C 49 -19.97 22.00 -9.15
CA THR C 49 -19.61 20.79 -9.89
C THR C 49 -18.67 21.10 -11.04
N SER C 50 -19.00 22.12 -11.84
CA SER C 50 -18.19 22.46 -13.00
C SER C 50 -17.84 23.93 -13.03
N SER C 51 -17.21 24.38 -14.11
CA SER C 51 -16.83 25.76 -14.31
C SER C 51 -17.63 26.46 -15.40
N GLU C 52 -18.18 25.71 -16.35
CA GLU C 52 -18.94 26.33 -17.44
C GLU C 52 -20.12 27.13 -16.93
N TYR C 53 -20.50 26.94 -15.67
CA TYR C 53 -21.63 27.65 -15.08
C TYR C 53 -21.25 29.02 -14.54
N ASP C 54 -20.00 29.45 -14.73
CA ASP C 54 -19.62 30.80 -14.35
C ASP C 54 -20.37 31.82 -15.20
N GLN C 55 -20.54 33.02 -14.65
CA GLN C 55 -21.20 34.12 -15.36
C GLN C 55 -20.42 35.39 -15.08
N GLU C 56 -19.80 35.96 -16.10
CA GLU C 56 -19.21 37.29 -15.98
C GLU C 56 -20.34 38.31 -15.94
N LEU C 57 -20.57 38.93 -14.79
CA LEU C 57 -21.75 39.78 -14.64
C LEU C 57 -21.62 41.06 -15.45
N ASP C 58 -20.60 41.87 -15.18
CA ASP C 58 -20.43 43.12 -15.91
C ASP C 58 -19.09 43.76 -15.61
N SER C 59 -18.35 44.10 -16.66
CA SER C 59 -17.07 44.79 -16.53
C SER C 59 -17.29 46.30 -16.46
N LEU C 60 -16.36 46.99 -15.82
CA LEU C 60 -16.41 48.44 -15.74
C LEU C 60 -15.00 49.00 -15.78
N LEU C 61 -14.77 49.98 -16.66
CA LEU C 61 -13.47 50.61 -16.80
C LEU C 61 -13.50 52.01 -16.21
N VAL C 62 -12.44 52.37 -15.49
CA VAL C 62 -12.30 53.70 -14.92
C VAL C 62 -10.92 54.25 -15.27
N GLY C 63 -10.87 55.51 -15.66
CA GLY C 63 -9.62 56.13 -16.00
C GLY C 63 -9.76 57.57 -16.43
N PRO C 64 -8.71 58.37 -16.20
CA PRO C 64 -7.50 57.90 -15.51
C PRO C 64 -7.70 57.86 -14.00
N ILE C 65 -6.91 57.05 -13.31
CA ILE C 65 -6.99 56.96 -11.85
C ILE C 65 -6.34 58.20 -11.26
N PRO C 66 -7.06 58.98 -10.44
CA PRO C 66 -6.44 60.16 -9.82
C PRO C 66 -5.52 59.76 -8.67
N VAL C 67 -4.33 60.33 -8.66
CA VAL C 67 -3.38 60.06 -7.58
C VAL C 67 -4.00 60.47 -6.26
N GLY C 68 -3.96 59.57 -5.28
CA GLY C 68 -4.54 59.76 -3.97
C GLY C 68 -5.44 58.61 -3.62
N VAL C 69 -6.30 58.82 -2.64
CA VAL C 69 -7.24 57.81 -2.19
C VAL C 69 -8.56 58.02 -2.93
N ASN C 70 -9.05 56.99 -3.60
CA ASN C 70 -10.22 57.07 -4.45
C ASN C 70 -11.30 56.12 -3.97
N LYS C 71 -12.56 56.54 -4.16
CA LYS C 71 -13.74 55.74 -3.88
C LYS C 71 -14.47 55.48 -5.19
N PHE C 72 -14.91 54.23 -5.38
CA PHE C 72 -15.56 53.85 -6.63
C PHE C 72 -16.73 52.94 -6.32
N LEU C 73 -17.90 53.28 -6.87
CA LEU C 73 -19.11 52.49 -6.68
C LEU C 73 -19.31 51.60 -7.91
N PHE C 74 -19.23 50.29 -7.70
CA PHE C 74 -19.29 49.30 -8.77
C PHE C 74 -20.58 48.50 -8.63
N GLU C 75 -21.46 48.61 -9.63
CA GLU C 75 -22.75 47.93 -9.64
C GLU C 75 -22.83 46.97 -10.82
N ALA C 76 -23.56 45.87 -10.61
CA ALA C 76 -23.76 44.90 -11.68
C ALA C 76 -24.96 44.04 -11.34
N ASP C 77 -25.86 43.88 -12.31
CA ASP C 77 -27.12 43.18 -12.07
C ASP C 77 -26.87 41.72 -11.69
N ALA C 78 -27.85 41.14 -11.00
CA ALA C 78 -27.77 39.76 -10.51
C ALA C 78 -27.54 38.78 -11.66
N PRO C 79 -27.17 37.55 -11.36
CA PRO C 79 -26.90 36.57 -12.43
C PRO C 79 -28.18 36.15 -13.13
N ASP C 80 -27.99 35.60 -14.34
CA ASP C 80 -29.09 35.05 -15.12
C ASP C 80 -29.39 33.63 -14.62
N LEU C 81 -30.54 33.46 -13.96
CA LEU C 81 -30.86 32.17 -13.36
C LEU C 81 -31.30 31.13 -14.38
N LYS C 82 -31.59 31.53 -15.62
CA LYS C 82 -31.80 30.55 -16.67
C LYS C 82 -30.53 29.75 -16.95
N ARG C 83 -29.37 30.23 -16.47
CA ARG C 83 -28.09 29.57 -16.67
C ARG C 83 -27.53 29.00 -15.36
N ILE C 84 -28.37 28.85 -14.35
CA ILE C 84 -27.98 28.28 -13.07
C ILE C 84 -28.76 26.98 -12.88
N PRO C 85 -28.11 25.88 -12.51
CA PRO C 85 -28.84 24.63 -12.30
C PRO C 85 -29.95 24.81 -11.29
N THR C 86 -31.16 24.37 -11.65
CA THR C 86 -32.29 24.48 -10.75
C THR C 86 -31.94 24.00 -9.35
N SER C 87 -31.13 22.95 -9.24
CA SER C 87 -30.85 22.35 -7.95
C SER C 87 -29.84 23.14 -7.12
N GLU C 88 -29.05 24.00 -7.75
CA GLU C 88 -27.90 24.63 -7.11
C GLU C 88 -28.04 26.13 -6.93
N ILE C 89 -29.23 26.70 -7.17
CA ILE C 89 -29.43 28.12 -6.91
C ILE C 89 -29.42 28.39 -5.41
N LEU C 90 -30.01 27.48 -4.64
CA LEU C 90 -30.11 27.63 -3.20
C LEU C 90 -28.90 27.03 -2.51
N GLY C 91 -28.24 27.82 -1.65
CA GLY C 91 -27.13 27.33 -0.87
C GLY C 91 -25.93 28.23 -0.99
N VAL C 92 -24.76 27.69 -0.65
CA VAL C 92 -23.53 28.45 -0.61
C VAL C 92 -22.83 28.37 -1.97
N THR C 93 -22.40 29.52 -2.47
CA THR C 93 -21.60 29.62 -3.69
C THR C 93 -20.57 30.73 -3.46
N VAL C 94 -19.89 31.14 -4.53
CA VAL C 94 -18.83 32.13 -4.39
C VAL C 94 -18.94 33.18 -5.48
N ILE C 95 -18.41 34.36 -5.19
CA ILE C 95 -18.27 35.44 -6.17
C ILE C 95 -16.83 35.93 -6.12
N LEU C 96 -16.39 36.51 -7.23
CA LEU C 96 -15.00 36.93 -7.39
C LEU C 96 -14.96 38.33 -7.98
N LEU C 97 -14.52 39.30 -7.20
CA LEU C 97 -14.25 40.65 -7.67
C LEU C 97 -12.79 40.71 -8.12
N THR C 98 -12.56 41.30 -9.28
CA THR C 98 -11.23 41.29 -9.88
C THR C 98 -10.89 42.66 -10.41
N CYS C 99 -9.79 43.24 -9.94
CA CYS C 99 -9.30 44.50 -10.46
C CYS C 99 -7.99 44.27 -11.20
N SER C 100 -7.95 44.72 -12.45
CA SER C 100 -6.80 44.52 -13.33
C SER C 100 -6.47 45.82 -14.03
N TYR C 101 -5.18 46.12 -14.12
CA TYR C 101 -4.69 47.34 -14.75
C TYR C 101 -4.15 47.00 -16.14
N ASP C 102 -4.84 47.47 -17.18
CA ASP C 102 -4.42 47.28 -18.56
C ASP C 102 -4.36 45.79 -18.92
N GLY C 103 -5.49 45.12 -18.76
CA GLY C 103 -5.53 43.69 -18.99
C GLY C 103 -4.70 42.86 -18.04
N ARG C 104 -4.01 43.46 -17.06
CA ARG C 104 -3.22 42.70 -16.11
C ARG C 104 -3.91 42.70 -14.76
N GLU C 105 -4.28 41.51 -14.27
CA GLU C 105 -5.05 41.40 -13.05
C GLU C 105 -4.12 41.48 -11.84
N PHE C 106 -4.34 42.49 -10.99
CA PHE C 106 -3.48 42.68 -9.83
C PHE C 106 -4.18 42.43 -8.49
N VAL C 107 -5.50 42.33 -8.45
CA VAL C 107 -6.18 42.00 -7.20
C VAL C 107 -7.36 41.09 -7.49
N ARG C 108 -7.46 40.01 -6.70
CA ARG C 108 -8.61 39.10 -6.73
C ARG C 108 -9.18 39.01 -5.33
N VAL C 109 -10.51 39.13 -5.22
CA VAL C 109 -11.19 39.11 -3.93
C VAL C 109 -12.31 38.09 -4.01
N GLY C 110 -12.16 37.00 -3.27
CA GLY C 110 -13.16 35.93 -3.25
C GLY C 110 -14.08 36.07 -2.06
N TYR C 111 -15.38 35.97 -2.32
CA TYR C 111 -16.43 36.05 -1.33
C TYR C 111 -17.27 34.79 -1.34
N TYR C 112 -17.71 34.35 -0.16
CA TYR C 112 -18.75 33.35 -0.04
C TYR C 112 -20.11 34.03 0.01
N VAL C 113 -21.09 33.45 -0.68
CA VAL C 113 -22.46 33.96 -0.70
C VAL C 113 -23.39 32.83 -0.30
N ASN C 114 -24.31 33.11 0.62
CA ASN C 114 -25.27 32.13 1.10
C ASN C 114 -26.66 32.54 0.63
N ASN C 115 -27.31 31.66 -0.13
CA ASN C 115 -28.65 31.90 -0.65
C ASN C 115 -29.63 31.07 0.20
N GLU C 116 -30.52 31.75 0.92
CA GLU C 116 -31.44 31.10 1.82
C GLU C 116 -32.85 31.66 1.63
N TYR C 117 -33.84 30.82 1.91
CA TYR C 117 -35.20 31.33 1.97
C TYR C 117 -35.35 32.28 3.16
N ASP C 118 -36.27 33.23 3.03
CA ASP C 118 -36.40 34.26 4.06
C ASP C 118 -37.18 33.78 5.27
N SER C 119 -38.22 32.97 5.05
CA SER C 119 -39.04 32.45 6.13
C SER C 119 -38.56 31.05 6.55
N GLU C 120 -38.84 30.71 7.81
CA GLU C 120 -38.49 29.38 8.31
C GLU C 120 -39.35 28.31 7.65
N GLU C 121 -40.60 28.63 7.33
CA GLU C 121 -41.49 27.68 6.67
C GLU C 121 -40.85 27.11 5.40
N LEU C 122 -40.19 27.96 4.62
CA LEU C 122 -39.60 27.52 3.36
C LEU C 122 -38.32 26.73 3.59
N THR C 123 -37.40 27.27 4.39
CA THR C 123 -36.14 26.57 4.62
C THR C 123 -36.35 25.21 5.26
N GLN C 124 -37.44 25.05 6.03
CA GLN C 124 -37.71 23.75 6.65
C GLN C 124 -38.29 22.75 5.64
N ASP C 125 -39.08 23.21 4.68
CA ASP C 125 -39.61 22.35 3.62
C ASP C 125 -39.51 23.09 2.30
N PRO C 126 -38.32 23.15 1.71
CA PRO C 126 -38.15 23.86 0.45
C PRO C 126 -39.07 23.30 -0.62
N PRO C 127 -39.84 24.17 -1.30
CA PRO C 127 -40.75 23.68 -2.34
C PRO C 127 -39.99 23.02 -3.48
N ALA C 128 -40.73 22.24 -4.27
CA ALA C 128 -40.13 21.40 -5.31
C ALA C 128 -39.14 22.18 -6.16
N LYS C 129 -39.62 23.21 -6.85
CA LYS C 129 -38.74 24.06 -7.63
C LYS C 129 -38.76 25.47 -7.07
N PRO C 130 -37.60 26.05 -6.78
CA PRO C 130 -37.53 27.14 -5.80
C PRO C 130 -38.37 28.36 -6.18
N ILE C 131 -38.72 29.12 -5.15
CA ILE C 131 -39.48 30.36 -5.27
C ILE C 131 -38.47 31.51 -5.25
N ILE C 132 -38.14 32.02 -6.43
CA ILE C 132 -37.06 33.00 -6.56
C ILE C 132 -37.33 34.23 -5.69
N GLU C 133 -38.56 34.75 -5.71
CA GLU C 133 -38.83 36.03 -5.08
C GLU C 133 -38.54 36.01 -3.58
N ARG C 134 -38.67 34.85 -2.94
CA ARG C 134 -38.46 34.72 -1.51
C ARG C 134 -37.07 34.20 -1.16
N ILE C 135 -36.14 34.27 -2.09
CA ILE C 135 -34.74 33.93 -1.83
C ILE C 135 -33.98 35.20 -1.47
N ARG C 136 -33.11 35.09 -0.48
CA ARG C 136 -32.27 36.20 -0.05
C ARG C 136 -30.82 35.74 -0.06
N ARG C 137 -29.95 36.56 -0.63
CA ARG C 137 -28.52 36.29 -0.65
C ARG C 137 -27.84 37.10 0.45
N ASN C 138 -26.81 36.50 1.06
CA ASN C 138 -26.01 37.16 2.08
C ASN C 138 -24.56 36.82 1.80
N ILE C 139 -23.78 37.79 1.35
CA ILE C 139 -22.39 37.56 1.01
C ILE C 139 -21.54 37.94 2.23
N LEU C 140 -20.82 36.96 2.75
CA LEU C 140 -20.08 37.10 4.00
C LEU C 140 -18.81 37.90 3.72
N ALA C 141 -18.92 39.22 3.92
CA ALA C 141 -17.87 40.15 3.53
C ALA C 141 -16.94 40.55 4.67
N GLU C 142 -17.07 39.93 5.84
CA GLU C 142 -16.22 40.31 6.96
C GLU C 142 -14.75 40.05 6.65
N LYS C 143 -14.43 38.82 6.24
CA LYS C 143 -13.06 38.44 5.88
C LYS C 143 -13.08 37.72 4.55
N PRO C 144 -13.13 38.46 3.44
CA PRO C 144 -12.97 37.84 2.12
C PRO C 144 -11.52 37.48 1.87
N ARG C 145 -11.31 36.59 0.90
CA ARG C 145 -9.95 36.15 0.57
C ARG C 145 -9.37 37.09 -0.48
N VAL C 146 -8.38 37.89 -0.08
CA VAL C 146 -7.83 38.93 -0.93
C VAL C 146 -6.44 38.47 -1.37
N THR C 147 -6.34 37.99 -2.61
CA THR C 147 -5.07 37.61 -3.20
C THR C 147 -4.53 38.77 -4.04
N ARG C 148 -3.26 39.12 -3.81
CA ARG C 148 -2.60 40.23 -4.48
C ARG C 148 -1.47 39.71 -5.36
N PHE C 149 -1.48 40.09 -6.63
CA PHE C 149 -0.44 39.73 -7.57
C PHE C 149 0.39 40.96 -7.92
N ALA C 150 1.63 40.70 -8.33
CA ALA C 150 2.56 41.75 -8.73
C ALA C 150 2.54 41.86 -10.25
N ILE C 151 2.24 43.05 -10.76
CA ILE C 151 2.24 43.31 -12.19
C ILE C 151 3.21 44.43 -12.50
N LYS C 152 3.35 44.77 -13.78
CA LYS C 152 4.13 45.91 -14.22
C LYS C 152 3.19 47.08 -14.52
N TRP C 153 3.43 48.20 -13.86
CA TRP C 153 2.59 49.38 -14.01
C TRP C 153 3.26 50.41 -14.90
N ASP C 154 2.43 51.21 -15.58
CA ASP C 154 2.87 52.37 -16.35
C ASP C 154 1.74 52.88 -17.24
N ALA D 1 17.08 -24.69 15.32
CA ALA D 1 18.36 -24.55 14.63
C ALA D 1 18.97 -23.18 14.91
N ARG D 2 18.90 -22.74 16.16
CA ARG D 2 19.60 -21.54 16.58
C ARG D 2 21.10 -21.83 16.66
N THR D 3 21.90 -20.81 16.35
CA THR D 3 23.36 -20.92 16.41
C THR D 3 23.85 -19.99 17.53
N LYS D 4 24.42 -20.58 18.57
CA LYS D 4 24.91 -19.80 19.69
C LYS D 4 26.20 -19.08 19.30
N GLN D 5 26.20 -17.76 19.44
CA GLN D 5 27.35 -16.96 19.05
C GLN D 5 28.50 -17.14 20.05
N THR D 6 29.71 -16.84 19.58
CA THR D 6 30.89 -16.84 20.43
C THR D 6 31.05 -15.44 21.03
N ALA D 7 31.15 -15.37 22.36
CA ALA D 7 31.12 -14.09 23.05
C ALA D 7 32.40 -13.30 22.76
N ARG D 8 32.24 -12.12 22.14
CA ARG D 8 33.33 -11.21 21.84
C ARG D 8 33.16 -9.96 22.69
N LYS D 9 34.03 -9.80 23.69
CA LYS D 9 33.93 -8.65 24.56
C LYS D 9 34.21 -7.36 23.80
N SER D 10 33.61 -6.26 24.26
CA SER D 10 33.73 -4.96 23.61
C SER D 10 34.34 -3.98 24.60
N THR D 11 35.44 -3.35 24.20
CA THR D 11 36.10 -2.31 24.98
C THR D 11 35.96 -0.99 24.24
N GLY D 12 35.35 -0.01 24.89
CA GLY D 12 35.12 1.27 24.22
C GLY D 12 34.12 1.09 23.10
N GLY D 13 34.52 1.39 21.88
CA GLY D 13 33.69 1.22 20.72
C GLY D 13 33.92 -0.08 19.97
N LYS D 14 34.70 -1.01 20.52
CA LYS D 14 35.02 -2.26 19.84
C LYS D 14 35.57 -2.01 18.45
N ARG D 52 27.39 4.63 19.98
CA ARG D 52 26.24 5.23 20.64
C ARG D 52 25.78 6.49 19.92
N ARG D 53 24.89 6.32 18.95
CA ARG D 53 24.33 7.43 18.17
C ARG D 53 22.83 7.56 18.44
N PHE D 54 22.35 8.80 18.37
CA PHE D 54 20.98 9.15 18.74
C PHE D 54 20.32 9.94 17.63
N GLN D 55 19.06 9.62 17.34
CA GLN D 55 18.30 10.28 16.28
C GLN D 55 16.88 10.49 16.75
N LYS D 56 16.43 11.74 16.76
CA LYS D 56 15.05 12.10 17.05
C LYS D 56 14.44 12.77 15.82
N SER D 57 13.12 12.91 15.84
CA SER D 57 12.35 13.36 14.69
C SER D 57 11.52 14.58 15.04
N THR D 58 11.60 15.61 14.19
CA THR D 58 10.76 16.80 14.26
C THR D 58 10.39 17.17 12.82
N GLU D 59 9.09 17.15 12.50
CA GLU D 59 8.68 17.39 11.12
C GLU D 59 7.19 17.74 11.05
N LEU D 60 6.67 17.66 9.83
CA LEU D 60 5.34 18.08 9.44
C LEU D 60 4.43 16.85 9.29
N LEU D 61 3.23 17.08 8.74
CA LEU D 61 2.22 16.04 8.71
C LEU D 61 2.55 14.96 7.68
N ILE D 62 2.59 15.34 6.40
CA ILE D 62 2.85 14.35 5.37
C ILE D 62 4.28 13.83 5.52
N ARG D 63 4.45 12.54 5.26
CA ARG D 63 5.77 11.95 5.40
C ARG D 63 6.63 12.28 4.19
N LYS D 64 7.94 12.28 4.42
CA LYS D 64 8.87 12.89 3.46
C LYS D 64 9.07 12.02 2.22
N LEU D 65 9.07 10.69 2.38
CA LEU D 65 9.47 9.83 1.27
C LEU D 65 8.40 9.78 0.17
N PRO D 66 7.14 9.47 0.46
CA PRO D 66 6.14 9.44 -0.62
C PRO D 66 5.99 10.77 -1.33
N PHE D 67 6.28 11.88 -0.64
CA PHE D 67 6.23 13.17 -1.30
C PHE D 67 7.35 13.31 -2.32
N GLN D 68 8.57 12.84 -1.98
CA GLN D 68 9.63 12.78 -2.97
C GLN D 68 9.21 11.90 -4.15
N ARG D 69 8.59 10.76 -3.87
CA ARG D 69 8.03 9.94 -4.94
C ARG D 69 7.15 10.77 -5.86
N LEU D 70 6.17 11.46 -5.28
CA LEU D 70 5.17 12.18 -6.07
C LEU D 70 5.82 13.31 -6.86
N VAL D 71 6.78 14.01 -6.27
CA VAL D 71 7.42 15.13 -6.96
C VAL D 71 8.30 14.63 -8.10
N ARG D 72 8.97 13.48 -7.91
CA ARG D 72 9.73 12.90 -9.01
C ARG D 72 8.81 12.44 -10.12
N GLU D 73 7.64 11.88 -9.77
CA GLU D 73 6.66 11.53 -10.79
C GLU D 73 6.25 12.76 -11.59
N ILE D 74 5.96 13.87 -10.90
CA ILE D 74 5.55 15.09 -11.57
C ILE D 74 6.67 15.59 -12.48
N ALA D 75 7.91 15.57 -12.01
CA ALA D 75 9.03 16.02 -12.81
C ALA D 75 9.24 15.13 -14.03
N GLN D 76 8.89 13.85 -13.92
CA GLN D 76 9.03 12.94 -15.05
C GLN D 76 8.11 13.33 -16.20
N ASP D 77 6.83 13.54 -15.90
CA ASP D 77 5.82 13.83 -16.91
C ASP D 77 6.03 15.20 -17.54
N PHE D 78 7.01 15.93 -17.03
CA PHE D 78 7.30 17.27 -17.50
C PHE D 78 8.41 17.32 -18.54
N LYS D 79 8.97 16.17 -18.92
CA LYS D 79 10.13 16.09 -19.80
C LYS D 79 11.35 16.81 -19.23
N THR D 80 11.27 17.27 -17.98
CA THR D 80 12.37 18.02 -17.38
C THR D 80 13.52 17.08 -17.04
N ASP D 81 14.74 17.61 -17.12
CA ASP D 81 15.94 16.91 -16.70
C ASP D 81 16.67 17.63 -15.58
N LEU D 82 16.08 18.70 -15.03
CA LEU D 82 16.78 19.53 -14.07
C LEU D 82 16.92 18.81 -12.73
N ARG D 83 18.08 19.00 -12.10
CA ARG D 83 18.27 18.53 -10.74
C ARG D 83 17.25 19.17 -9.81
N PHE D 84 16.78 18.39 -8.83
CA PHE D 84 15.90 18.92 -7.79
C PHE D 84 16.62 18.74 -6.46
N GLN D 85 16.98 19.85 -5.83
CA GLN D 85 17.74 19.82 -4.59
C GLN D 85 16.85 19.35 -3.44
N SER D 86 17.49 18.77 -2.43
CA SER D 86 16.74 18.26 -1.28
C SER D 86 15.97 19.38 -0.58
N SER D 87 16.66 20.49 -0.28
CA SER D 87 15.98 21.61 0.36
C SER D 87 14.85 22.16 -0.51
N ALA D 88 15.00 22.09 -1.83
CA ALA D 88 13.92 22.51 -2.71
C ALA D 88 12.68 21.65 -2.52
N ILE D 89 12.87 20.32 -2.43
CA ILE D 89 11.74 19.44 -2.19
C ILE D 89 11.14 19.71 -0.81
N GLY D 90 11.98 20.03 0.17
CA GLY D 90 11.46 20.39 1.48
C GLY D 90 10.59 21.62 1.44
N ALA D 91 11.02 22.64 0.69
CA ALA D 91 10.22 23.85 0.53
C ALA D 91 8.91 23.55 -0.19
N LEU D 92 8.98 22.73 -1.24
CA LEU D 92 7.75 22.32 -1.93
C LEU D 92 6.79 21.64 -0.97
N GLN D 93 7.33 20.78 -0.09
CA GLN D 93 6.47 20.07 0.86
C GLN D 93 5.83 21.04 1.85
N GLU D 94 6.63 21.95 2.41
CA GLU D 94 6.08 22.93 3.34
C GLU D 94 4.99 23.76 2.68
N SER D 95 5.20 24.18 1.43
CA SER D 95 4.21 25.00 0.75
C SER D 95 2.95 24.20 0.45
N VAL D 96 3.10 22.95 0.03
CA VAL D 96 1.92 22.11 -0.24
C VAL D 96 1.11 21.93 1.02
N GLU D 97 1.78 21.72 2.16
CA GLU D 97 1.05 21.51 3.40
C GLU D 97 0.35 22.79 3.84
N ALA D 98 1.02 23.94 3.75
CA ALA D 98 0.36 25.20 4.06
C ALA D 98 -0.86 25.41 3.18
N TYR D 99 -0.72 25.17 1.88
CA TYR D 99 -1.84 25.34 0.96
C TYR D 99 -3.01 24.45 1.32
N LEU D 100 -2.73 23.16 1.58
CA LEU D 100 -3.81 22.25 1.90
C LEU D 100 -4.47 22.62 3.23
N VAL D 101 -3.69 23.09 4.20
CA VAL D 101 -4.28 23.47 5.48
C VAL D 101 -5.19 24.68 5.32
N SER D 102 -4.76 25.68 4.55
CA SER D 102 -5.62 26.85 4.34
C SER D 102 -6.86 26.47 3.54
N LEU D 103 -6.70 25.60 2.54
CA LEU D 103 -7.85 25.15 1.75
C LEU D 103 -8.86 24.41 2.63
N PHE D 104 -8.36 23.60 3.58
CA PHE D 104 -9.27 22.93 4.49
C PHE D 104 -9.92 23.88 5.46
N GLU D 105 -9.20 24.92 5.90
CA GLU D 105 -9.84 25.98 6.67
C GLU D 105 -11.03 26.54 5.92
N ASP D 106 -10.81 26.95 4.67
CA ASP D 106 -11.89 27.56 3.89
C ASP D 106 -13.00 26.57 3.57
N THR D 107 -12.66 25.29 3.37
CA THR D 107 -13.68 24.28 3.11
C THR D 107 -14.56 24.04 4.33
N ASN D 108 -13.93 23.88 5.50
CA ASN D 108 -14.67 23.78 6.75
C ASN D 108 -15.56 25.00 6.95
N LEU D 109 -15.07 26.18 6.56
CA LEU D 109 -15.86 27.40 6.69
C LEU D 109 -17.09 27.34 5.78
N ALA D 110 -16.88 27.00 4.51
CA ALA D 110 -18.00 26.89 3.58
C ALA D 110 -19.02 25.86 4.06
N ALA D 111 -18.54 24.78 4.68
CA ALA D 111 -19.46 23.79 5.23
C ALA D 111 -20.22 24.35 6.42
N ILE D 112 -19.54 25.11 7.28
CA ILE D 112 -20.21 25.77 8.40
C ILE D 112 -21.35 26.64 7.90
N HIS D 113 -21.10 27.43 6.85
CA HIS D 113 -22.16 28.28 6.33
C HIS D 113 -23.23 27.50 5.58
N ALA D 114 -23.00 26.21 5.30
CA ALA D 114 -24.03 25.33 4.78
C ALA D 114 -24.79 24.61 5.89
N LYS D 115 -24.47 24.90 7.15
CA LYS D 115 -25.16 24.42 8.36
C LYS D 115 -24.78 23.00 8.77
N ARG D 116 -23.87 22.34 8.07
CA ARG D 116 -23.46 20.98 8.43
C ARG D 116 -22.02 20.99 8.94
N VAL D 117 -21.55 19.82 9.33
CA VAL D 117 -20.22 19.70 9.94
C VAL D 117 -19.33 18.80 9.10
N THR D 118 -19.92 17.86 8.37
CA THR D 118 -19.16 16.97 7.51
C THR D 118 -18.86 17.68 6.19
N ILE D 119 -17.58 17.88 5.90
CA ILE D 119 -17.17 18.53 4.66
C ILE D 119 -17.26 17.53 3.51
N GLN D 120 -17.83 17.97 2.39
CA GLN D 120 -18.08 17.11 1.25
C GLN D 120 -17.23 17.56 0.06
N LYS D 121 -17.40 16.85 -1.07
CA LYS D 121 -16.75 17.26 -2.30
C LYS D 121 -17.11 18.68 -2.67
N LYS D 122 -18.38 19.05 -2.50
CA LYS D 122 -18.86 20.36 -2.93
C LYS D 122 -18.13 21.48 -2.19
N ASP D 123 -17.86 21.29 -0.90
CA ASP D 123 -17.18 22.33 -0.13
C ASP D 123 -15.72 22.46 -0.56
N ILE D 124 -15.04 21.35 -0.81
CA ILE D 124 -13.68 21.42 -1.32
C ILE D 124 -13.66 22.15 -2.65
N LYS D 125 -14.62 21.84 -3.53
CA LYS D 125 -14.67 22.50 -4.83
C LYS D 125 -14.91 24.00 -4.69
N LEU D 126 -15.84 24.39 -3.81
CA LEU D 126 -16.08 25.82 -3.57
C LEU D 126 -14.82 26.51 -3.05
N ALA D 127 -14.22 25.96 -1.99
CA ALA D 127 -13.00 26.53 -1.46
C ALA D 127 -11.94 26.71 -2.55
N ARG D 128 -11.71 25.67 -3.35
CA ARG D 128 -10.72 25.78 -4.42
C ARG D 128 -11.12 26.83 -5.44
N ARG D 129 -12.43 27.01 -5.68
CA ARG D 129 -12.89 28.07 -6.55
C ARG D 129 -12.67 29.45 -5.95
N LEU D 130 -12.49 29.53 -4.62
CA LEU D 130 -12.26 30.82 -3.99
C LEU D 130 -10.90 31.39 -4.34
N ARG D 131 -9.90 30.54 -4.59
CA ARG D 131 -8.55 31.01 -4.88
C ARG D 131 -8.36 31.45 -6.32
N GLY D 132 -9.30 31.16 -7.21
CA GLY D 132 -9.15 31.40 -8.62
C GLY D 132 -8.93 30.15 -9.45
N GLU D 133 -8.78 28.99 -8.82
CA GLU D 133 -8.69 27.75 -9.56
C GLU D 133 -9.98 27.49 -10.32
N ARG D 134 -9.88 26.68 -11.37
CA ARG D 134 -11.03 26.38 -12.20
C ARG D 134 -11.13 24.88 -12.48
N LYS E 2 5.44 -15.39 -5.17
CA LYS E 2 4.54 -16.53 -5.30
C LYS E 2 3.18 -16.08 -5.82
N GLY E 3 2.62 -16.87 -6.73
CA GLY E 3 1.28 -16.61 -7.23
C GLY E 3 1.15 -15.48 -8.23
N LEU E 4 2.26 -15.07 -8.86
CA LEU E 4 2.24 -13.98 -9.82
C LEU E 4 2.70 -14.48 -11.18
N GLY E 5 2.05 -13.99 -12.23
CA GLY E 5 2.37 -14.38 -13.58
C GLY E 5 2.90 -13.23 -14.41
N LYS E 6 2.78 -12.02 -13.89
CA LYS E 6 3.32 -10.81 -14.53
C LYS E 6 4.48 -10.25 -13.71
N GLY E 7 5.32 -11.13 -13.19
CA GLY E 7 6.47 -10.72 -12.40
C GLY E 7 7.80 -11.04 -13.05
N GLY E 8 7.88 -10.82 -14.37
CA GLY E 8 9.11 -11.08 -15.10
C GLY E 8 10.06 -9.91 -15.11
N ALA E 9 10.43 -9.45 -16.30
CA ALA E 9 11.33 -8.31 -16.45
C ALA E 9 10.78 -7.43 -17.57
N LYS E 10 10.35 -6.23 -17.22
CA LYS E 10 9.70 -5.35 -18.18
C LYS E 10 10.66 -4.97 -19.29
N ARG E 11 10.16 -4.97 -20.53
CA ARG E 11 11.01 -4.72 -21.69
C ARG E 11 11.72 -3.38 -21.60
N HIS E 12 11.04 -2.37 -21.06
CA HIS E 12 11.51 -1.00 -21.14
C HIS E 12 11.79 -0.44 -19.75
N ARG E 13 12.08 0.86 -19.73
CA ARG E 13 12.37 1.60 -18.50
C ARG E 13 11.16 1.58 -17.58
N LYS E 14 11.42 1.77 -16.29
CA LYS E 14 10.35 1.95 -15.32
C LYS E 14 9.86 3.39 -15.35
N ILE E 15 8.55 3.58 -15.40
CA ILE E 15 7.95 4.90 -15.42
C ILE E 15 7.05 5.03 -14.20
N LEU E 16 6.94 6.26 -13.70
CA LEU E 16 6.18 6.54 -12.48
C LEU E 16 4.73 6.83 -12.85
N ARG E 17 3.82 6.03 -12.30
CA ARG E 17 2.38 6.22 -12.46
C ARG E 17 1.71 6.22 -11.09
N ASP E 18 0.69 7.07 -10.96
CA ASP E 18 -0.19 7.05 -9.79
C ASP E 18 0.59 7.06 -8.47
N ASN E 19 1.64 7.88 -8.42
CA ASN E 19 2.27 8.15 -7.13
C ASN E 19 1.46 9.11 -6.27
N ILE E 20 0.45 9.75 -6.86
CA ILE E 20 -0.50 10.54 -6.06
C ILE E 20 -1.16 9.66 -5.02
N GLN E 21 -1.52 8.44 -5.39
CA GLN E 21 -2.10 7.49 -4.43
C GLN E 21 -1.17 7.24 -3.25
N GLY E 22 0.10 7.60 -3.35
CA GLY E 22 0.99 7.55 -2.20
C GLY E 22 0.68 8.53 -1.11
N ILE E 23 -0.30 9.42 -1.32
CA ILE E 23 -0.75 10.34 -0.28
C ILE E 23 -1.75 9.60 0.59
N THR E 24 -1.26 9.01 1.68
CA THR E 24 -2.10 8.16 2.52
C THR E 24 -3.32 8.93 3.02
N LYS E 25 -4.49 8.29 2.90
CA LYS E 25 -5.73 8.85 3.44
C LYS E 25 -5.58 9.42 4.85
N PRO E 26 -4.99 8.71 5.81
CA PRO E 26 -4.77 9.31 7.13
C PRO E 26 -3.94 10.59 7.09
N ALA E 27 -3.06 10.73 6.09
CA ALA E 27 -2.30 11.98 5.97
C ALA E 27 -3.23 13.14 5.62
N ILE E 28 -4.12 12.93 4.65
CA ILE E 28 -5.12 13.94 4.32
C ILE E 28 -5.99 14.23 5.54
N ARG E 29 -6.32 13.19 6.31
CA ARG E 29 -7.15 13.38 7.50
C ARG E 29 -6.43 14.26 8.53
N ARG E 30 -5.14 13.99 8.75
CA ARG E 30 -4.37 14.83 9.66
C ARG E 30 -4.31 16.27 9.17
N LEU E 31 -3.99 16.47 7.89
CA LEU E 31 -3.97 17.83 7.34
C LEU E 31 -5.32 18.52 7.55
N ALA E 32 -6.41 17.76 7.44
CA ALA E 32 -7.73 18.35 7.67
C ALA E 32 -7.95 18.67 9.14
N ARG E 33 -7.39 17.87 10.05
CA ARG E 33 -7.52 18.19 11.48
C ARG E 33 -6.96 19.58 11.77
N ARG E 34 -5.83 19.92 11.19
CA ARG E 34 -5.38 21.30 11.18
C ARG E 34 -6.31 22.10 10.27
N GLY E 35 -6.71 23.28 10.73
CA GLY E 35 -7.81 23.99 10.12
C GLY E 35 -9.17 23.61 10.65
N GLY E 36 -9.23 22.68 11.60
CA GLY E 36 -10.45 22.40 12.34
C GLY E 36 -11.56 21.71 11.58
N VAL E 37 -11.22 20.76 10.71
CA VAL E 37 -12.24 19.93 10.06
C VAL E 37 -12.56 18.78 11.01
N LYS E 38 -13.76 18.81 11.61
CA LYS E 38 -14.09 17.86 12.65
C LYS E 38 -14.45 16.49 12.08
N ARG E 39 -15.37 16.44 11.12
CA ARG E 39 -15.73 15.20 10.43
C ARG E 39 -15.59 15.40 8.93
N ILE E 40 -15.16 14.35 8.24
CA ILE E 40 -14.91 14.41 6.80
C ILE E 40 -15.68 13.28 6.13
N SER E 41 -16.18 13.55 4.92
CA SER E 41 -16.92 12.56 4.17
C SER E 41 -15.99 11.46 3.64
N GLY E 42 -16.59 10.45 3.03
CA GLY E 42 -15.84 9.31 2.52
C GLY E 42 -15.33 9.50 1.11
N LEU E 43 -16.16 10.10 0.24
CA LEU E 43 -15.78 10.32 -1.15
C LEU E 43 -15.16 11.70 -1.38
N ILE E 44 -14.47 12.24 -0.38
CA ILE E 44 -13.78 13.53 -0.52
C ILE E 44 -12.30 13.37 -0.87
N TYR E 45 -11.75 12.16 -0.76
CA TYR E 45 -10.30 11.99 -0.85
C TYR E 45 -9.80 12.20 -2.28
N GLU E 46 -10.56 11.76 -3.28
CA GLU E 46 -10.10 11.89 -4.65
C GLU E 46 -10.01 13.36 -5.07
N GLU E 47 -10.94 14.19 -4.61
CA GLU E 47 -10.88 15.60 -4.95
C GLU E 47 -9.68 16.28 -4.30
N VAL E 48 -9.34 15.87 -3.07
CA VAL E 48 -8.15 16.40 -2.42
C VAL E 48 -6.90 15.96 -3.16
N ARG E 49 -6.86 14.70 -3.60
CA ARG E 49 -5.76 14.24 -4.45
C ARG E 49 -5.62 15.14 -5.67
N ALA E 50 -6.74 15.38 -6.36
CA ALA E 50 -6.71 16.20 -7.57
C ALA E 50 -6.19 17.60 -7.29
N VAL E 51 -6.69 18.23 -6.23
CA VAL E 51 -6.31 19.60 -5.93
C VAL E 51 -4.84 19.69 -5.54
N LEU E 52 -4.37 18.76 -4.71
CA LEU E 52 -2.97 18.75 -4.32
C LEU E 52 -2.07 18.55 -5.54
N LYS E 53 -2.44 17.61 -6.42
CA LYS E 53 -1.61 17.38 -7.60
C LYS E 53 -1.60 18.59 -8.51
N SER E 54 -2.75 19.24 -8.69
CA SER E 54 -2.80 20.45 -9.51
C SER E 54 -1.88 21.53 -8.95
N PHE E 55 -2.00 21.80 -7.65
CA PHE E 55 -1.18 22.84 -7.04
C PHE E 55 0.31 22.50 -7.15
N LEU E 56 0.67 21.25 -6.90
CA LEU E 56 2.09 20.90 -6.96
C LEU E 56 2.60 20.96 -8.38
N GLU E 57 1.80 20.55 -9.37
CA GLU E 57 2.20 20.68 -10.75
C GLU E 57 2.48 22.14 -11.09
N SER E 58 1.57 23.03 -10.73
CA SER E 58 1.78 24.46 -11.01
C SER E 58 3.05 24.97 -10.34
N VAL E 59 3.26 24.62 -9.07
CA VAL E 59 4.41 25.15 -8.34
C VAL E 59 5.72 24.62 -8.92
N ILE E 60 5.77 23.32 -9.24
CA ILE E 60 6.97 22.73 -9.80
C ILE E 60 7.25 23.30 -11.18
N ARG E 61 6.19 23.53 -11.97
CA ARG E 61 6.37 24.13 -13.29
C ARG E 61 6.93 25.54 -13.18
N ASP E 62 6.41 26.33 -12.24
CA ASP E 62 6.93 27.68 -12.04
C ASP E 62 8.38 27.64 -11.55
N SER E 63 8.72 26.69 -10.67
CA SER E 63 10.10 26.55 -10.21
C SER E 63 11.03 26.23 -11.38
N VAL E 64 10.61 25.30 -12.24
CA VAL E 64 11.43 24.95 -13.39
C VAL E 64 11.58 26.15 -14.32
N THR E 65 10.52 26.93 -14.50
CA THR E 65 10.62 28.13 -15.31
C THR E 65 11.65 29.10 -14.74
N TYR E 66 11.54 29.37 -13.43
CA TYR E 66 12.46 30.32 -12.81
C TYR E 66 13.91 29.84 -12.90
N THR E 67 14.14 28.54 -12.70
CA THR E 67 15.51 28.03 -12.73
C THR E 67 16.06 28.04 -14.15
N GLU E 68 15.26 27.58 -15.13
CA GLU E 68 15.70 27.60 -16.51
C GLU E 68 15.95 29.02 -16.99
N HIS E 69 15.21 30.00 -16.46
CA HIS E 69 15.43 31.39 -16.84
C HIS E 69 16.75 31.90 -16.29
N ALA E 70 17.12 31.49 -15.07
CA ALA E 70 18.42 31.83 -14.52
C ALA E 70 19.57 31.10 -15.21
N LYS E 71 19.29 30.31 -16.26
CA LYS E 71 20.33 29.60 -17.00
C LYS E 71 21.13 28.67 -16.09
N ARG E 72 20.43 27.96 -15.22
CA ARG E 72 21.03 27.00 -14.30
C ARG E 72 20.42 25.62 -14.54
N LYS E 73 20.94 24.62 -13.82
CA LYS E 73 20.53 23.24 -14.03
C LYS E 73 20.00 22.57 -12.77
N THR E 74 20.00 23.24 -11.63
CA THR E 74 19.48 22.68 -10.39
C THR E 74 18.52 23.66 -9.74
N VAL E 75 17.33 23.18 -9.41
CA VAL E 75 16.33 24.00 -8.73
C VAL E 75 16.63 23.97 -7.23
N THR E 76 16.85 25.14 -6.65
CA THR E 76 17.15 25.27 -5.24
C THR E 76 15.94 25.83 -4.48
N SER E 77 16.02 25.75 -3.15
CA SER E 77 14.89 26.19 -2.31
C SER E 77 14.45 27.60 -2.65
N LEU E 78 15.41 28.49 -2.95
CA LEU E 78 15.06 29.86 -3.29
C LEU E 78 14.29 29.92 -4.61
N ASP E 79 14.61 29.04 -5.56
CA ASP E 79 13.81 28.98 -6.78
C ASP E 79 12.37 28.62 -6.47
N VAL E 80 12.16 27.71 -5.51
CA VAL E 80 10.80 27.36 -5.12
C VAL E 80 10.12 28.55 -4.42
N VAL E 81 10.89 29.33 -3.66
CA VAL E 81 10.34 30.55 -3.07
C VAL E 81 9.84 31.49 -4.15
N TYR E 82 10.69 31.78 -5.12
CA TYR E 82 10.29 32.70 -6.19
C TYR E 82 9.20 32.11 -7.08
N ALA E 83 9.06 30.78 -7.12
CA ALA E 83 7.96 30.18 -7.84
C ALA E 83 6.64 30.37 -7.08
N LEU E 84 6.65 30.08 -5.78
CA LEU E 84 5.49 30.39 -4.95
C LEU E 84 5.13 31.87 -5.01
N LYS E 85 6.10 32.73 -5.32
CA LYS E 85 5.80 34.14 -5.50
C LYS E 85 4.66 34.36 -6.50
N ARG E 86 4.67 33.60 -7.61
CA ARG E 86 3.65 33.78 -8.63
C ARG E 86 2.24 33.43 -8.15
N GLN E 87 2.12 32.75 -7.01
CA GLN E 87 0.82 32.44 -6.44
C GLN E 87 0.14 33.64 -5.79
N GLY E 88 0.81 34.79 -5.73
CA GLY E 88 0.24 35.99 -5.14
C GLY E 88 0.19 35.96 -3.63
N ARG E 89 0.23 37.12 -3.00
CA ARG E 89 0.17 37.22 -1.55
C ARG E 89 -1.28 37.35 -1.11
N THR E 90 -1.69 36.49 -0.19
CA THR E 90 -3.09 36.38 0.22
C THR E 90 -3.26 36.84 1.67
N LEU E 91 -4.34 37.57 1.92
CA LEU E 91 -4.77 37.91 3.27
C LEU E 91 -6.28 37.80 3.32
N TYR E 92 -6.80 37.50 4.51
CA TYR E 92 -8.23 37.42 4.75
C TYR E 92 -8.68 38.70 5.44
N GLY E 93 -9.55 39.45 4.76
CA GLY E 93 -9.92 40.77 5.21
C GLY E 93 -9.01 41.83 4.61
N PHE E 94 -9.21 43.06 5.09
CA PHE E 94 -8.39 44.18 4.63
C PHE E 94 -7.67 44.84 5.80
N1A COA F . -18.94 -3.64 -26.64
C2A COA F . -17.74 -4.19 -26.49
N3A COA F . -16.55 -3.60 -26.38
C4A COA F . -16.68 -2.26 -26.45
C5A COA F . -17.86 -1.55 -26.60
C6A COA F . -19.05 -2.30 -26.69
N6A COA F . -20.25 -1.73 -26.84
N7A COA F . -17.60 -0.19 -26.62
C8A COA F . -16.30 -0.09 -26.50
N9A COA F . -15.69 -1.32 -26.38
C1B COA F . -14.24 -1.50 -26.26
C2B COA F . -13.61 -1.73 -24.90
O2B COA F . -13.75 -0.67 -23.97
C3B COA F . -12.19 -1.94 -25.40
O3B COA F . -11.73 -0.62 -25.79
P3B COA F . -11.29 -0.24 -27.30
O7A COA F . -12.35 -0.70 -28.29
O8A COA F . -11.16 1.28 -27.27
O9A COA F . -9.95 -0.92 -27.55
C4B COA F . -12.45 -2.92 -26.55
O4B COA F . -13.82 -2.66 -26.96
C5B COA F . -12.29 -4.36 -26.13
O5B COA F . -12.97 -5.25 -27.05
P1A COA F . -13.33 -6.69 -26.45
O1A COA F . -13.95 -7.53 -27.52
O2A COA F . -14.10 -6.52 -25.17
O3A COA F . -11.89 -7.29 -26.10
P2A COA F . -10.85 -8.17 -26.94
O4A COA F . -11.52 -9.45 -27.34
O5A COA F . -10.23 -7.33 -28.00
O6A COA F . -9.73 -8.55 -25.86
CBP COA F . -7.76 -8.11 -24.54
CCP COA F . -9.02 -7.49 -25.15
CDP COA F . -7.11 -7.10 -23.59
CEP COA F . -8.13 -9.37 -23.75
CAP COA F . -6.79 -8.45 -25.69
OAP COA F . -6.29 -7.21 -26.21
C9P COA F . -5.64 -9.36 -25.30
O9P COA F . -5.88 -10.52 -24.95
N8P COA F . -4.41 -8.89 -25.38
C7P COA F . -3.23 -9.66 -25.03
C6P COA F . -2.25 -8.87 -24.20
C5P COA F . -2.91 -8.21 -23.01
O5P COA F . -2.87 -7.00 -22.86
N4P COA F . -3.52 -9.02 -22.14
C3P COA F . -4.18 -8.55 -20.94
C2P COA F . -3.24 -7.88 -19.97
S1P COA F . -3.01 -8.82 -18.45
H2A COA F . -17.72 -5.14 -26.45
H61A COA F . -20.32 -0.86 -26.88
H62A COA F . -20.96 -2.25 -26.90
H8A COA F . -15.84 0.73 -26.50
H1B COA F . -13.80 -0.72 -26.65
H2B COA F . -13.95 -2.59 -24.50
HO2A COA F . -13.37 -0.89 -23.25
H3B COA F . -11.61 -2.33 -24.71
H4B COA F . -11.84 -2.73 -27.29
H51A COA F . -12.66 -4.49 -25.23
H52A COA F . -11.33 -4.59 -26.11
H121 COA F . -9.58 -7.12 -24.45
H122 COA F . -8.77 -6.78 -25.77
H131 COA F . -6.30 -7.50 -23.20
H132 COA F . -7.73 -6.87 -22.87
H133 COA F . -6.87 -6.30 -24.08
H141 COA F . -7.34 -9.76 -23.37
H142 COA F . -8.55 -10.01 -24.35
H143 COA F . -8.76 -9.13 -23.05
H10 COA F . -7.31 -8.89 -26.39
HO1 COA F . -5.76 -7.38 -26.84
HN8 COA F . -4.29 -8.07 -25.67
H71 COA F . -2.79 -9.98 -25.85
H72 COA F . -3.51 -10.46 -24.52
H61 COA F . -1.84 -8.18 -24.76
H62 COA F . -1.53 -9.45 -23.89
HN4 COA F . -3.51 -9.88 -22.30
H31 COA F . -4.62 -9.30 -20.48
H32 COA F . -4.89 -7.91 -21.19
H21 COA F . -2.37 -7.78 -20.41
H22 COA F . -3.57 -7.00 -19.75
HS1 COA F . -2.58 -9.82 -18.94
#